data_2QRC
#
_entry.id   2QRC
#
_cell.length_a   168.293
_cell.length_b   78.087
_cell.length_c   108.553
_cell.angle_alpha   90.00
_cell.angle_beta   124.13
_cell.angle_gamma   90.00
#
_symmetry.space_group_name_H-M   'C 1 2 1'
#
loop_
_entity.id
_entity.type
_entity.pdbx_description
1 polymer 'SNF1-like protein kinase ssp2'
2 polymer 'SPCC1919.03c protein'
3 polymer 'Protein C1556.08c'
4 non-polymer 'ADENOSINE MONOPHOSPHATE'
5 non-polymer "ADENOSINE-5'-DIPHOSPHATE"
6 water water
#
loop_
_entity_poly.entity_id
_entity_poly.type
_entity_poly.pdbx_seq_one_letter_code
_entity_poly.pdbx_strand_id
1 'polypeptide(L)'
;SQSTRKKSRRNKWHFGVRCRGDAPEILLAVYRALQRAGAQFTVPKPVNGKYRSDMYTIKSRWEIPHCKREGKNTYAYIEL
QLYEVMPGCFMLDVKSNGYKDIYSHPERTADHGMDDLKSSFPFLDLCAMLVCKLFSA
;
A,C
2 'polypeptide(L)'
;MSESEQYSTEIPAFLTSNTLQELKLPKPPSLPPHLEKCILNSNTAYKEDQSVLPNPNHVLLNHLAAANTQLGVLALSATT
RYHRKYVTTAMFKNFDV
;
B,D
3 'polypeptide(L)'
;AMDVQETQKGALKEIQAFIRSRTSYDVLPTSFRLIVFDVTLFVKTSLSLLTLNNIVSAPLWDSEANKFAGLLTMADFVNV
IKYYYQSSSFPEAIAEIDKFRLLGLREVERKIGAIPPETIYVHPMHSLMDACLAMSKSRARRIPLIDVDGETGSEMIVSV
LTQYRILKFISMNCKETAMLRVPLNQMTIGTWSNLATASMETKVYDVIKMLAEKNISAVPIVNSEGTLLNVYESVDVMHL
IQDGDYSNLDLSVGEALLKRPANFDGVHTCRATDRLDGIFDAIKHSRVHRLFVVDENLKLEGILSLADILNYIIYDKTTT
PGVPEQTDNFESAV
;
G,E
#
loop_
_chem_comp.id
_chem_comp.type
_chem_comp.name
_chem_comp.formula
ADP non-polymer ADENOSINE-5'-DIPHOSPHATE 'C10 H15 N5 O10 P2'
AMP non-polymer 'ADENOSINE MONOPHOSPHATE' 'C10 H14 N5 O7 P'
#
# COMPACT_ATOMS: atom_id res chain seq x y z
N LYS A 12 19.10 8.58 7.23
CA LYS A 12 18.45 8.03 5.99
C LYS A 12 18.70 8.79 4.67
N TRP A 13 18.73 10.13 4.69
CA TRP A 13 19.02 10.97 3.49
C TRP A 13 20.52 11.09 3.23
N HIS A 14 20.87 11.01 1.96
CA HIS A 14 22.25 11.04 1.49
C HIS A 14 22.29 11.53 0.06
N PHE A 15 23.40 12.13 -0.33
CA PHE A 15 23.54 12.67 -1.67
C PHE A 15 23.66 11.58 -2.68
N GLY A 16 23.13 11.85 -3.87
CA GLY A 16 23.16 10.94 -4.99
C GLY A 16 22.52 9.59 -4.76
N VAL A 17 22.92 8.63 -5.58
CA VAL A 17 22.45 7.28 -5.44
C VAL A 17 23.64 6.32 -5.28
N ARG A 18 23.48 5.32 -4.41
CA ARG A 18 24.57 4.40 -4.10
C ARG A 18 24.83 3.48 -5.30
N CYS A 19 26.06 2.98 -5.42
CA CYS A 19 26.38 2.01 -6.43
C CYS A 19 27.43 1.06 -5.88
N ARG A 20 27.41 -0.17 -6.35
CA ARG A 20 28.42 -1.13 -5.96
C ARG A 20 29.00 -1.80 -7.19
N GLY A 21 30.11 -2.49 -7.03
CA GLY A 21 30.66 -3.29 -8.11
C GLY A 21 31.85 -2.63 -8.80
N ASP A 22 31.83 -2.64 -10.12
CA ASP A 22 32.98 -2.21 -10.90
C ASP A 22 32.78 -0.82 -11.50
N ALA A 23 33.79 0.02 -11.32
CA ALA A 23 33.70 1.45 -11.66
C ALA A 23 33.20 1.72 -13.09
N PRO A 24 33.84 1.09 -14.11
CA PRO A 24 33.40 1.34 -15.49
C PRO A 24 32.14 0.57 -15.84
N GLU A 25 31.90 -0.56 -15.16
CA GLU A 25 30.61 -1.25 -15.23
C GLU A 25 29.46 -0.33 -14.81
N ILE A 26 29.68 0.48 -13.78
CA ILE A 26 28.69 1.48 -13.36
C ILE A 26 28.61 2.65 -14.34
N LEU A 27 29.76 3.06 -14.87
CA LEU A 27 29.82 4.14 -15.86
C LEU A 27 28.97 3.77 -17.10
N LEU A 28 29.17 2.55 -17.59
CA LEU A 28 28.34 1.99 -18.64
C LEU A 28 26.83 2.11 -18.35
N ALA A 29 26.42 1.65 -17.17
CA ALA A 29 25.00 1.61 -16.82
C ALA A 29 24.39 3.01 -16.83
N VAL A 30 25.12 3.97 -16.26
CA VAL A 30 24.71 5.37 -16.27
C VAL A 30 24.58 5.90 -17.69
N TYR A 31 25.51 5.51 -18.55
CA TYR A 31 25.48 5.98 -19.93
C TYR A 31 24.26 5.45 -20.63
N ARG A 32 24.00 4.14 -20.51
CA ARG A 32 22.82 3.49 -21.09
C ARG A 32 21.54 4.09 -20.54
N ALA A 33 21.55 4.36 -19.23
CA ALA A 33 20.39 4.96 -18.56
C ALA A 33 20.09 6.33 -19.12
N LEU A 34 21.12 7.10 -19.43
CA LEU A 34 20.89 8.39 -20.03
C LEU A 34 20.24 8.16 -21.37
N GLN A 35 20.82 7.25 -22.14
CA GLN A 35 20.35 6.99 -23.49
C GLN A 35 18.87 6.63 -23.45
N ARG A 36 18.44 5.88 -22.42
CA ARG A 36 17.02 5.49 -22.35
C ARG A 36 16.07 6.65 -21.98
N ALA A 37 16.56 7.59 -21.21
CA ALA A 37 15.81 8.81 -20.94
C ALA A 37 15.74 9.73 -22.15
N GLY A 38 16.69 9.58 -23.07
CA GLY A 38 16.80 10.49 -24.22
C GLY A 38 17.58 11.74 -23.86
N ALA A 39 18.38 11.66 -22.82
CA ALA A 39 19.29 12.74 -22.51
C ALA A 39 20.47 12.60 -23.49
N GLN A 40 21.24 13.67 -23.62
CA GLN A 40 22.43 13.63 -24.44
C GLN A 40 23.56 13.97 -23.53
N PHE A 41 24.79 13.61 -23.89
CA PHE A 41 25.88 13.55 -22.94
C PHE A 41 27.25 13.73 -23.56
N THR A 42 28.18 14.27 -22.78
CA THR A 42 29.58 14.23 -23.15
C THR A 42 30.11 12.83 -22.92
N VAL A 43 31.32 12.63 -23.43
CA VAL A 43 31.90 11.34 -23.59
C VAL A 43 33.40 11.49 -23.28
N PRO A 44 34.06 10.41 -22.79
CA PRO A 44 35.51 10.55 -22.54
C PRO A 44 36.33 10.79 -23.80
N LYS A 45 37.44 11.49 -23.60
CA LYS A 45 38.45 11.69 -24.63
C LYS A 45 39.86 11.48 -24.04
N PRO A 46 40.59 10.43 -24.49
CA PRO A 46 41.86 10.06 -23.86
C PRO A 46 43.02 11.04 -24.14
N VAL A 47 44.08 10.97 -23.33
CA VAL A 47 45.30 11.79 -23.51
C VAL A 47 46.36 11.10 -24.41
N ASN A 48 46.11 11.15 -25.72
CA ASN A 48 46.86 10.36 -26.69
C ASN A 48 46.55 8.88 -26.57
N GLY A 49 46.79 8.33 -25.38
CA GLY A 49 46.48 6.92 -25.09
C GLY A 49 44.99 6.59 -25.09
N LYS A 50 44.31 6.47 -23.95
CA LYS A 50 44.73 6.68 -22.53
C LYS A 50 43.66 7.50 -21.76
N TYR A 51 42.80 6.79 -21.05
CA TYR A 51 41.62 7.44 -20.46
C TYR A 51 41.87 8.19 -19.15
N ARG A 52 41.38 9.43 -19.13
CA ARG A 52 41.57 10.37 -18.04
C ARG A 52 40.44 10.28 -17.01
N SER A 53 40.84 10.25 -15.75
CA SER A 53 39.93 10.09 -14.62
C SER A 53 38.64 10.92 -14.67
N ASP A 54 38.63 11.98 -15.47
CA ASP A 54 37.46 12.86 -15.55
C ASP A 54 36.37 12.26 -16.41
N MET A 55 36.63 11.05 -16.92
CA MET A 55 35.60 10.33 -17.64
C MET A 55 34.35 10.10 -16.78
N TYR A 56 34.53 10.08 -15.46
CA TYR A 56 33.44 9.92 -14.51
C TYR A 56 32.74 11.24 -14.22
N THR A 57 33.05 12.24 -15.02
CA THR A 57 32.35 13.50 -14.96
C THR A 57 31.59 13.59 -16.26
N ILE A 58 30.27 13.51 -16.15
CA ILE A 58 29.37 13.52 -17.28
C ILE A 58 28.48 14.77 -17.26
N LYS A 59 28.56 15.58 -18.30
CA LYS A 59 27.61 16.66 -18.51
C LYS A 59 26.50 16.19 -19.42
N SER A 60 25.26 16.26 -18.98
CA SER A 60 24.19 15.82 -19.84
C SER A 60 23.27 16.99 -20.18
N ARG A 61 22.46 16.82 -21.20
CA ARG A 61 21.45 17.80 -21.57
C ARG A 61 20.13 17.10 -21.84
N TRP A 62 19.09 17.62 -21.23
CA TRP A 62 17.79 17.00 -21.24
C TRP A 62 16.77 17.95 -21.83
N GLU A 63 16.00 17.47 -22.81
CA GLU A 63 14.94 18.26 -23.40
C GLU A 63 13.81 18.23 -22.38
N ILE A 64 13.28 19.38 -21.99
CA ILE A 64 12.28 19.37 -20.91
C ILE A 64 10.88 19.11 -21.47
N PRO A 65 10.36 17.91 -21.22
CA PRO A 65 9.10 17.41 -21.77
C PRO A 65 7.93 18.39 -21.82
N HIS A 66 7.66 19.11 -20.73
CA HIS A 66 6.48 19.96 -20.75
C HIS A 66 6.68 21.19 -21.60
N CYS A 67 7.93 21.53 -21.84
CA CYS A 67 8.26 22.56 -22.82
C CYS A 67 8.24 22.00 -24.24
N LYS A 68 8.68 20.76 -24.38
CA LYS A 68 8.57 20.04 -25.63
C LYS A 68 7.10 19.93 -26.06
N ARG A 69 6.19 19.95 -25.08
CA ARG A 69 4.77 19.80 -25.32
C ARG A 69 4.19 21.07 -25.91
N GLU A 70 4.76 22.21 -25.51
CA GLU A 70 4.43 23.48 -26.13
C GLU A 70 5.16 23.48 -27.46
N GLY A 71 6.35 22.91 -27.46
CA GLY A 71 7.20 22.95 -28.64
C GLY A 71 8.23 24.04 -28.45
N LYS A 72 8.52 24.36 -27.20
CA LYS A 72 9.57 25.30 -26.87
C LYS A 72 10.88 24.52 -26.76
N ASN A 73 11.98 25.13 -27.15
CA ASN A 73 13.26 24.43 -27.14
C ASN A 73 14.02 24.74 -25.88
N THR A 74 13.51 24.24 -24.77
CA THR A 74 14.18 24.53 -23.52
C THR A 74 14.83 23.30 -22.91
N TYR A 75 16.05 23.47 -22.44
CA TYR A 75 16.92 22.35 -22.11
C TYR A 75 17.23 22.41 -20.63
N ALA A 76 17.59 21.27 -20.06
CA ALA A 76 18.05 21.23 -18.69
C ALA A 76 19.45 20.60 -18.62
N TYR A 77 20.36 21.25 -17.92
CA TYR A 77 21.74 20.83 -17.86
C TYR A 77 22.04 20.14 -16.51
N ILE A 78 22.44 18.88 -16.60
CA ILE A 78 22.68 18.06 -15.43
C ILE A 78 24.07 17.46 -15.50
N GLU A 79 24.88 17.69 -14.45
CA GLU A 79 26.21 17.09 -14.31
C GLU A 79 26.16 15.91 -13.34
N LEU A 80 26.72 14.78 -13.77
CA LEU A 80 26.84 13.58 -12.94
C LEU A 80 28.30 13.41 -12.60
N GLN A 81 28.57 12.83 -11.44
CA GLN A 81 29.94 12.56 -11.05
C GLN A 81 30.01 11.32 -10.19
N LEU A 82 30.91 10.41 -10.54
CA LEU A 82 31.15 9.23 -9.70
C LEU A 82 32.24 9.51 -8.69
N TYR A 83 32.07 8.97 -7.47
CA TYR A 83 33.08 9.02 -6.44
C TYR A 83 33.21 7.65 -5.80
N GLU A 84 34.43 7.14 -5.66
CA GLU A 84 34.66 5.95 -4.85
C GLU A 84 34.45 6.37 -3.41
N VAL A 85 33.71 5.56 -2.65
CA VAL A 85 33.39 5.85 -1.24
C VAL A 85 34.15 4.95 -0.24
N MET A 86 34.00 3.64 -0.43
CA MET A 86 34.84 2.65 0.21
C MET A 86 35.53 2.04 -0.99
N PRO A 87 36.29 0.95 -0.81
CA PRO A 87 36.56 0.23 -2.05
C PRO A 87 35.31 -0.57 -2.42
N GLY A 88 34.89 -0.48 -3.68
CA GLY A 88 33.70 -1.20 -4.14
C GLY A 88 32.39 -0.45 -4.00
N CYS A 89 32.41 0.69 -3.31
CA CYS A 89 31.19 1.48 -3.14
C CYS A 89 31.31 2.89 -3.69
N PHE A 90 30.27 3.34 -4.36
CA PHE A 90 30.31 4.57 -5.09
C PHE A 90 29.05 5.40 -4.84
N MET A 91 29.23 6.71 -4.90
CA MET A 91 28.11 7.63 -4.95
C MET A 91 28.09 8.15 -6.37
N LEU A 92 26.94 8.04 -7.00
CA LEU A 92 26.78 8.70 -8.25
C LEU A 92 26.10 10.03 -7.95
N ASP A 93 26.84 11.13 -8.01
CA ASP A 93 26.32 12.46 -7.63
C ASP A 93 25.70 13.23 -8.82
N VAL A 94 24.53 13.82 -8.57
CA VAL A 94 23.78 14.44 -9.60
C VAL A 94 23.53 15.86 -9.19
N LYS A 95 23.95 16.80 -10.03
CA LYS A 95 23.68 18.21 -9.77
C LYS A 95 23.19 19.04 -10.99
N SER A 96 22.50 20.12 -10.68
CA SER A 96 21.79 20.88 -11.69
C SER A 96 22.60 22.09 -12.07
N ASN A 97 22.89 22.22 -13.36
CA ASN A 97 23.51 23.41 -13.92
C ASN A 97 22.51 24.42 -14.49
N GLY A 98 21.22 24.15 -14.30
CA GLY A 98 20.19 25.10 -14.68
C GLY A 98 19.48 24.76 -15.98
N TYR A 99 18.57 25.66 -16.37
CA TYR A 99 17.77 25.48 -17.58
C TYR A 99 18.01 26.67 -18.47
N LYS A 100 17.99 26.47 -19.78
CA LYS A 100 18.12 27.60 -20.75
C LYS A 100 17.28 27.29 -21.99
N ASP A 101 16.40 28.21 -22.38
CA ASP A 101 15.68 28.08 -23.63
C ASP A 101 16.54 28.73 -24.72
N ILE A 102 16.41 28.30 -25.96
CA ILE A 102 17.16 28.92 -27.07
C ILE A 102 16.89 30.43 -27.28
N TYR A 103 16.00 31.01 -26.46
CA TYR A 103 15.62 32.43 -26.54
C TYR A 103 15.87 33.19 -25.20
N SER A 104 15.61 34.52 -25.20
CA SER A 104 15.83 35.41 -24.03
C SER A 104 14.44 35.70 -23.37
N HIS A 105 14.35 36.79 -22.61
CA HIS A 105 15.20 37.94 -22.81
C HIS A 105 16.02 38.24 -21.57
N ASP A 116 15.39 35.95 -11.29
CA ASP A 116 16.27 34.93 -11.88
C ASP A 116 16.29 33.68 -10.99
N LEU A 117 15.13 33.02 -10.92
CA LEU A 117 14.89 31.87 -10.03
C LEU A 117 15.70 30.62 -10.42
N LYS A 118 16.09 29.86 -9.41
CA LYS A 118 16.59 28.51 -9.64
C LYS A 118 15.64 27.45 -9.05
N SER A 119 14.64 27.03 -9.81
CA SER A 119 13.72 26.04 -9.30
C SER A 119 14.39 24.68 -9.34
N SER A 120 14.00 23.80 -8.43
CA SER A 120 14.45 22.41 -8.35
C SER A 120 13.71 21.61 -9.39
N PHE A 121 12.73 22.25 -10.01
CA PHE A 121 11.99 21.62 -11.11
C PHE A 121 12.25 22.33 -12.42
N PRO A 122 12.33 21.56 -13.51
CA PRO A 122 12.09 20.13 -13.56
C PRO A 122 13.28 19.29 -13.19
N PHE A 123 14.28 19.88 -12.55
CA PHE A 123 15.47 19.10 -12.22
C PHE A 123 15.12 17.85 -11.40
N LEU A 124 14.22 17.98 -10.44
CA LEU A 124 13.87 16.84 -9.63
C LEU A 124 13.04 15.81 -10.40
N ASP A 125 12.17 16.26 -11.29
CA ASP A 125 11.39 15.35 -12.12
C ASP A 125 12.29 14.56 -13.10
N LEU A 126 13.45 15.11 -13.42
CA LEU A 126 14.38 14.46 -14.32
C LEU A 126 15.27 13.45 -13.59
N CYS A 127 15.87 13.86 -12.49
CA CYS A 127 16.52 12.88 -11.61
C CYS A 127 15.61 11.69 -11.31
N ALA A 128 14.30 11.95 -11.28
CA ALA A 128 13.31 10.89 -11.05
C ALA A 128 13.29 9.94 -12.25
N MET A 129 13.29 10.52 -13.45
CA MET A 129 13.34 9.73 -14.64
C MET A 129 14.61 8.89 -14.66
N LEU A 130 15.75 9.56 -14.52
CA LEU A 130 17.04 8.91 -14.53
C LEU A 130 17.04 7.72 -13.58
N VAL A 131 16.60 7.95 -12.34
CA VAL A 131 16.59 6.89 -11.34
C VAL A 131 15.71 5.72 -11.76
N CYS A 132 14.59 6.02 -12.41
CA CYS A 132 13.81 4.94 -12.98
C CYS A 132 14.56 4.13 -14.02
N LYS A 133 15.43 4.78 -14.78
CA LYS A 133 16.16 4.05 -15.81
C LYS A 133 17.29 3.24 -15.21
N LEU A 134 18.00 3.82 -14.26
CA LEU A 134 19.02 3.07 -13.56
C LEU A 134 18.49 1.81 -12.91
N PHE A 135 17.22 1.80 -12.51
CA PHE A 135 16.66 0.69 -11.74
C PHE A 135 15.95 -0.37 -12.60
N SER A 136 15.37 0.08 -13.71
CA SER A 136 14.60 -0.78 -14.61
C SER A 136 15.55 -1.51 -15.55
N ALA A 137 16.81 -1.09 -15.47
CA ALA A 137 17.93 -1.76 -16.10
C ALA A 137 18.11 -3.20 -15.58
N GLN B 6 30.58 19.74 -25.95
CA GLN B 6 30.24 18.93 -27.12
C GLN B 6 29.42 17.72 -26.72
N TYR B 7 28.11 17.79 -26.97
CA TYR B 7 27.19 16.70 -26.59
C TYR B 7 27.18 15.50 -27.55
N SER B 8 26.50 14.43 -27.19
CA SER B 8 26.42 13.20 -28.00
C SER B 8 25.27 12.28 -27.61
N THR B 9 24.80 11.51 -28.58
CA THR B 9 23.65 10.64 -28.40
C THR B 9 24.02 9.14 -28.22
N GLU B 10 25.26 8.76 -28.56
CA GLU B 10 25.64 7.35 -28.55
C GLU B 10 26.65 6.87 -27.49
N ILE B 11 26.39 5.67 -26.96
CA ILE B 11 27.21 4.95 -25.95
C ILE B 11 28.67 4.77 -26.36
N PRO B 12 29.62 5.28 -25.55
CA PRO B 12 31.02 5.16 -26.01
C PRO B 12 31.36 3.70 -26.25
N ALA B 13 32.00 3.43 -27.39
CA ALA B 13 32.20 2.08 -27.86
C ALA B 13 33.04 1.21 -26.92
N PHE B 14 34.12 1.78 -26.38
CA PHE B 14 35.08 1.02 -25.60
C PHE B 14 34.48 0.36 -24.38
N LEU B 15 33.39 0.94 -23.88
CA LEU B 15 32.58 0.33 -22.84
C LEU B 15 31.67 -0.76 -23.42
N THR B 16 32.24 -1.57 -24.32
CA THR B 16 31.62 -2.82 -24.80
C THR B 16 32.69 -3.78 -25.35
N SER B 17 33.97 -3.47 -25.16
CA SER B 17 35.07 -4.18 -25.83
C SER B 17 34.96 -5.71 -25.87
N ASN B 18 35.19 -6.36 -24.74
CA ASN B 18 34.46 -5.99 -23.52
C ASN B 18 34.81 -6.95 -22.37
N THR B 19 35.08 -6.47 -21.16
CA THR B 19 35.34 -5.08 -20.80
C THR B 19 36.24 -5.18 -19.56
N LEU B 20 36.50 -6.40 -19.13
CA LEU B 20 37.39 -6.65 -17.99
C LEU B 20 38.77 -6.07 -18.25
N GLN B 21 39.25 -6.21 -19.47
CA GLN B 21 40.53 -6.86 -19.73
C GLN B 21 41.69 -6.05 -19.16
N GLU B 22 41.47 -4.75 -18.99
CA GLU B 22 41.03 -3.91 -20.09
C GLU B 22 41.36 -2.43 -19.82
N LEU B 23 42.38 -1.93 -20.51
CA LEU B 23 42.89 -0.59 -20.26
C LEU B 23 43.43 -0.68 -18.83
N LYS B 24 42.60 -1.14 -17.91
CA LYS B 24 42.91 -1.04 -16.46
C LYS B 24 42.68 0.41 -16.02
N LEU B 25 41.56 0.94 -16.51
CA LEU B 25 41.27 2.37 -16.55
C LEU B 25 41.36 3.04 -15.19
N PRO B 26 41.30 4.38 -15.18
CA PRO B 26 41.46 5.15 -13.96
C PRO B 26 40.28 4.97 -13.02
N LYS B 27 40.52 5.21 -11.73
CA LYS B 27 39.45 5.25 -10.74
C LYS B 27 38.69 6.60 -10.82
N PRO B 28 37.47 6.70 -10.26
CA PRO B 28 36.93 8.04 -10.02
C PRO B 28 37.52 8.61 -8.73
N PRO B 29 37.33 9.93 -8.50
CA PRO B 29 37.94 10.50 -7.30
C PRO B 29 37.19 10.04 -6.06
N SER B 30 37.86 10.06 -4.91
CA SER B 30 37.22 9.65 -3.67
C SER B 30 36.18 10.69 -3.26
N LEU B 31 35.21 10.26 -2.44
CA LEU B 31 34.15 11.11 -1.91
C LEU B 31 34.72 12.28 -1.08
N PRO B 32 34.47 13.54 -1.52
CA PRO B 32 34.93 14.68 -0.69
C PRO B 32 34.06 14.80 0.57
N PRO B 33 34.66 15.24 1.68
CA PRO B 33 34.00 15.29 2.99
C PRO B 33 32.65 16.00 3.08
N HIS B 34 32.38 16.96 2.21
CA HIS B 34 31.10 17.68 2.30
C HIS B 34 29.83 16.92 1.84
N LEU B 35 29.95 15.85 1.05
CA LEU B 35 28.76 15.08 0.63
C LEU B 35 28.47 13.92 1.56
N GLU B 36 29.12 13.96 2.71
CA GLU B 36 29.02 12.98 3.80
C GLU B 36 27.77 13.28 4.64
N LYS B 37 27.30 14.52 4.56
CA LYS B 37 26.27 15.02 5.45
C LYS B 37 25.17 15.67 4.64
N CYS B 38 23.92 15.36 4.98
CA CYS B 38 22.79 15.99 4.29
C CYS B 38 21.89 16.71 5.29
N ILE B 39 21.66 18.00 5.06
CA ILE B 39 20.97 18.82 6.07
C ILE B 39 19.57 18.35 6.37
N LEU B 40 19.03 17.50 5.51
CA LEU B 40 17.71 16.94 5.76
C LEU B 40 17.71 16.09 7.00
N ASN B 41 18.85 15.50 7.33
CA ASN B 41 19.00 14.73 8.55
C ASN B 41 19.05 15.59 9.82
N SER B 42 18.62 16.85 9.70
CA SER B 42 18.67 17.78 10.81
C SER B 42 17.28 18.30 11.22
N ASN B 43 16.80 17.85 12.37
CA ASN B 43 15.53 18.33 12.93
C ASN B 43 15.67 18.90 14.35
N THR B 44 16.74 19.67 14.55
CA THR B 44 16.95 20.47 15.77
C THR B 44 15.76 21.38 16.08
N ALA B 45 14.85 21.47 15.11
CA ALA B 45 13.92 22.58 14.97
C ALA B 45 12.47 22.46 15.45
N TYR B 46 12.03 21.24 15.80
CA TYR B 46 10.63 21.00 16.17
C TYR B 46 10.51 21.49 17.60
N LYS B 47 10.81 22.77 17.78
CA LYS B 47 10.92 23.42 19.09
C LYS B 47 10.64 24.95 19.02
N GLU B 48 9.63 25.37 18.25
CA GLU B 48 8.69 24.46 17.59
C GLU B 48 8.31 24.93 16.18
N ASP B 49 9.17 24.62 15.21
CA ASP B 49 8.87 24.73 13.80
C ASP B 49 9.68 23.65 13.08
N GLN B 50 9.05 22.50 12.85
CA GLN B 50 9.77 21.37 12.30
C GLN B 50 10.21 21.52 10.84
N SER B 51 9.90 22.64 10.21
CA SER B 51 10.38 22.82 8.84
C SER B 51 11.78 23.46 8.79
N VAL B 52 12.20 24.12 9.87
CA VAL B 52 13.47 24.83 9.87
C VAL B 52 14.67 23.91 9.72
N LEU B 53 15.55 24.31 8.80
CA LEU B 53 16.78 23.62 8.61
C LEU B 53 17.86 24.59 8.97
N PRO B 54 19.09 24.07 9.20
CA PRO B 54 20.21 25.02 9.26
C PRO B 54 20.48 25.59 7.86
N ASN B 55 21.22 26.70 7.79
CA ASN B 55 21.70 27.25 6.54
C ASN B 55 22.43 26.19 5.73
N PRO B 56 22.15 26.12 4.42
CA PRO B 56 22.92 25.14 3.69
C PRO B 56 24.33 25.63 3.42
N ASN B 57 25.03 24.88 2.58
CA ASN B 57 26.39 25.25 2.20
C ASN B 57 26.53 25.40 0.69
N HIS B 58 26.84 26.63 0.26
CA HIS B 58 26.46 27.08 -1.07
C HIS B 58 27.26 26.36 -2.15
N VAL B 59 27.87 25.24 -1.77
CA VAL B 59 28.46 24.32 -2.74
C VAL B 59 27.45 23.27 -3.19
N LEU B 60 26.41 23.08 -2.38
CA LEU B 60 25.64 21.84 -2.39
C LEU B 60 24.23 22.20 -2.81
N LEU B 61 23.99 23.48 -3.04
CA LEU B 61 22.80 23.88 -3.74
C LEU B 61 22.64 23.06 -5.03
N ASN B 62 21.48 22.45 -5.21
CA ASN B 62 21.11 21.75 -6.44
C ASN B 62 21.68 20.36 -6.66
N HIS B 63 22.30 19.79 -5.64
CA HIS B 63 22.72 18.39 -5.68
C HIS B 63 21.56 17.50 -5.23
N LEU B 64 21.16 16.57 -6.08
CA LEU B 64 20.12 15.63 -5.69
C LEU B 64 20.57 14.78 -4.50
N ALA B 65 19.65 14.56 -3.55
CA ALA B 65 19.83 13.60 -2.47
C ALA B 65 18.67 12.63 -2.56
N ALA B 66 18.82 11.46 -1.96
CA ALA B 66 17.79 10.43 -2.01
C ALA B 66 17.66 9.76 -0.64
N ALA B 67 16.59 8.97 -0.44
CA ALA B 67 16.30 8.27 0.82
C ALA B 67 15.40 7.05 0.68
N ASN B 68 15.73 5.98 1.42
CA ASN B 68 14.86 4.81 1.51
C ASN B 68 13.49 5.13 2.09
N THR B 69 12.44 4.93 1.31
CA THR B 69 11.13 4.77 1.92
C THR B 69 10.89 3.29 1.95
N GLN B 70 9.96 2.90 2.79
CA GLN B 70 9.59 1.52 2.88
C GLN B 70 8.19 1.42 2.30
N LEU B 71 7.86 2.37 1.43
CA LEU B 71 6.49 2.54 1.00
C LEU B 71 6.28 2.38 -0.49
N GLY B 72 7.35 2.12 -1.23
CA GLY B 72 7.23 1.81 -2.63
C GLY B 72 7.13 3.06 -3.47
N VAL B 73 7.79 4.12 -3.03
CA VAL B 73 7.88 5.34 -3.80
C VAL B 73 9.29 5.89 -3.69
N LEU B 74 9.57 6.95 -4.46
CA LEU B 74 10.90 7.56 -4.51
C LEU B 74 10.88 8.82 -3.68
N ALA B 75 11.93 8.97 -2.88
CA ALA B 75 12.12 10.17 -2.10
C ALA B 75 13.25 10.95 -2.71
N LEU B 76 12.98 12.15 -3.23
CA LEU B 76 14.07 12.94 -3.80
C LEU B 76 14.11 14.34 -3.19
N SER B 77 15.26 14.97 -3.19
CA SER B 77 15.30 16.37 -2.79
C SER B 77 16.49 17.13 -3.29
N ALA B 78 16.30 18.43 -3.46
CA ALA B 78 17.41 19.35 -3.70
C ALA B 78 17.22 20.66 -2.90
N THR B 79 18.29 21.39 -2.67
CA THR B 79 18.18 22.68 -1.99
C THR B 79 18.48 23.77 -2.98
N THR B 80 17.74 24.87 -2.91
CA THR B 80 17.95 26.02 -3.81
C THR B 80 17.76 27.38 -3.12
N ARG B 81 18.38 28.42 -3.64
CA ARG B 81 18.15 29.76 -3.10
C ARG B 81 16.90 30.33 -3.71
N TYR B 82 15.96 30.76 -2.88
CA TYR B 82 14.86 31.58 -3.36
C TYR B 82 15.07 32.99 -2.79
N HIS B 83 15.38 33.95 -3.64
CA HIS B 83 15.83 35.28 -3.22
C HIS B 83 16.88 35.00 -2.18
N ARG B 84 16.74 35.53 -0.99
CA ARG B 84 17.77 35.26 0.01
C ARG B 84 17.45 34.23 1.08
N LYS B 85 16.62 33.26 0.72
CA LYS B 85 16.26 32.21 1.64
C LYS B 85 16.36 30.85 0.96
N TYR B 86 16.44 29.78 1.74
CA TYR B 86 16.72 28.50 1.15
C TYR B 86 15.56 27.52 1.23
N VAL B 87 15.20 26.93 0.12
CA VAL B 87 14.15 25.93 0.14
C VAL B 87 14.70 24.57 -0.25
N THR B 88 14.66 23.65 0.69
CA THR B 88 14.89 22.25 0.42
C THR B 88 13.58 21.54 0.17
N THR B 89 13.34 21.15 -1.06
CA THR B 89 12.11 20.50 -1.42
C THR B 89 12.29 19.00 -1.35
N ALA B 90 11.36 18.30 -0.71
CA ALA B 90 11.44 16.86 -0.66
C ALA B 90 10.26 16.20 -1.38
N MET B 91 10.57 15.54 -2.48
CA MET B 91 9.60 14.96 -3.37
C MET B 91 9.43 13.50 -3.11
N PHE B 92 8.17 13.13 -2.93
CA PHE B 92 7.75 11.77 -2.85
C PHE B 92 6.99 11.46 -4.14
N LYS B 93 7.41 10.40 -4.81
CA LYS B 93 6.99 10.16 -6.18
C LYS B 93 6.97 8.67 -6.47
N ASN B 94 5.99 8.26 -7.28
CA ASN B 94 5.90 6.89 -7.74
C ASN B 94 6.99 6.57 -8.76
N PHE B 95 7.19 5.28 -9.02
CA PHE B 95 8.07 4.84 -10.08
C PHE B 95 7.37 4.83 -11.42
N ASP B 96 6.19 4.22 -11.44
CA ASP B 96 5.74 3.37 -12.59
C ASP B 96 6.87 2.97 -13.56
N ALA C 1 -6.97 56.73 21.38
CA ALA C 1 -5.48 56.69 21.27
C ALA C 1 -4.80 56.60 22.65
N MET C 2 -5.55 56.95 23.70
CA MET C 2 -5.00 57.03 25.06
C MET C 2 -5.91 56.38 26.11
N ASP C 3 -6.57 55.29 25.75
CA ASP C 3 -7.38 54.49 26.67
C ASP C 3 -7.83 53.22 25.95
N VAL C 4 -8.12 52.16 26.70
CA VAL C 4 -8.68 50.93 26.12
C VAL C 4 -9.70 51.22 25.03
N GLN C 5 -9.75 50.39 24.01
CA GLN C 5 -10.73 50.51 22.91
C GLN C 5 -10.54 51.73 22.05
N GLU C 6 -9.65 52.62 22.47
CA GLU C 6 -9.25 53.75 21.65
C GLU C 6 -7.76 53.51 21.49
N THR C 7 -7.12 52.91 22.50
CA THR C 7 -5.73 52.47 22.36
C THR C 7 -5.69 51.20 21.51
N GLN C 8 -6.61 50.27 21.77
CA GLN C 8 -6.76 49.09 20.92
C GLN C 8 -7.05 49.51 19.49
N LYS C 9 -8.03 50.41 19.34
CA LYS C 9 -8.46 50.91 18.04
C LYS C 9 -7.24 51.26 17.21
N GLY C 10 -6.42 52.16 17.74
CA GLY C 10 -5.15 52.53 17.11
C GLY C 10 -4.17 51.38 16.96
N ALA C 11 -4.13 50.48 17.93
CA ALA C 11 -3.13 49.41 17.91
C ALA C 11 -3.38 48.48 16.73
N LEU C 12 -4.66 48.20 16.46
CA LEU C 12 -5.05 47.36 15.34
C LEU C 12 -4.60 48.00 14.04
N LYS C 13 -4.84 49.31 13.92
CA LYS C 13 -4.34 50.12 12.77
C LYS C 13 -2.88 49.85 12.43
N GLU C 14 -1.99 49.85 13.42
CA GLU C 14 -0.57 49.57 13.14
C GLU C 14 -0.38 48.15 12.67
N ILE C 15 -1.17 47.23 13.23
CA ILE C 15 -0.98 45.82 12.95
C ILE C 15 -1.36 45.48 11.51
N GLN C 16 -2.45 46.01 11.00
CA GLN C 16 -2.75 45.80 9.60
C GLN C 16 -1.69 46.45 8.70
N ALA C 17 -1.26 47.65 9.08
CA ALA C 17 -0.25 48.35 8.31
C ALA C 17 0.99 47.49 8.29
N PHE C 18 1.30 46.90 9.43
CA PHE C 18 2.41 45.99 9.46
C PHE C 18 2.16 44.85 8.46
N ILE C 19 1.02 44.19 8.59
CA ILE C 19 0.65 43.14 7.66
C ILE C 19 0.83 43.53 6.17
N ARG C 20 0.32 44.70 5.74
CA ARG C 20 0.41 45.09 4.33
C ARG C 20 1.85 45.30 3.88
N SER C 21 2.69 45.79 4.78
CA SER C 21 4.05 46.20 4.45
C SER C 21 4.97 44.99 4.34
N ARG C 22 4.54 43.84 4.84
CA ARG C 22 5.32 42.62 4.68
C ARG C 22 4.83 41.75 3.55
N THR C 23 5.71 40.86 3.12
CA THR C 23 5.38 39.89 2.09
C THR C 23 5.23 38.55 2.75
N SER C 24 4.66 37.63 2.00
CA SER C 24 4.64 36.25 2.41
C SER C 24 6.07 35.69 2.53
N TYR C 25 6.92 36.05 1.57
CA TYR C 25 8.33 35.71 1.66
C TYR C 25 8.84 35.96 3.08
N ASP C 26 8.60 37.17 3.58
CA ASP C 26 9.12 37.57 4.89
C ASP C 26 8.76 36.66 6.08
N VAL C 27 7.76 35.80 5.93
CA VAL C 27 7.22 35.07 7.05
C VAL C 27 8.07 33.82 7.17
N LEU C 28 8.57 33.38 6.02
CA LEU C 28 9.32 32.16 5.90
C LEU C 28 10.64 32.20 6.68
N PRO C 29 11.05 31.04 7.24
CA PRO C 29 12.35 30.94 7.89
C PRO C 29 13.40 31.07 6.79
N THR C 30 14.67 31.25 7.15
CA THR C 30 15.64 31.55 6.13
C THR C 30 16.11 30.27 5.46
N SER C 31 15.80 29.14 6.05
CA SER C 31 16.12 27.86 5.45
C SER C 31 15.19 26.79 5.99
N PHE C 32 14.32 26.23 5.16
CA PHE C 32 13.30 25.28 5.59
C PHE C 32 13.08 24.15 4.61
N ARG C 33 12.34 23.14 5.05
CA ARG C 33 11.95 21.95 4.29
C ARG C 33 10.54 22.14 3.72
N LEU C 34 10.32 21.63 2.51
CA LEU C 34 8.97 21.57 1.98
C LEU C 34 8.73 20.19 1.38
N ILE C 35 7.68 19.54 1.84
CA ILE C 35 7.36 18.21 1.38
C ILE C 35 6.22 18.34 0.41
N VAL C 36 6.35 17.60 -0.69
CA VAL C 36 5.53 17.66 -1.88
C VAL C 36 5.23 16.22 -2.35
N PHE C 37 3.99 15.95 -2.74
CA PHE C 37 3.63 14.62 -3.23
C PHE C 37 3.33 14.74 -4.70
N ASP C 38 3.63 13.70 -5.48
CA ASP C 38 3.07 13.51 -6.80
C ASP C 38 1.58 13.27 -6.65
N VAL C 39 0.80 13.97 -7.46
CA VAL C 39 -0.64 13.71 -7.55
C VAL C 39 -1.00 12.27 -7.88
N THR C 40 -0.08 11.50 -8.42
CA THR C 40 -0.50 10.14 -8.74
C THR C 40 -0.23 9.13 -7.61
N LEU C 41 0.29 9.60 -6.48
CA LEU C 41 0.46 8.71 -5.34
C LEU C 41 -0.87 8.13 -4.90
N PHE C 42 -0.86 6.89 -4.44
CA PHE C 42 -2.09 6.27 -3.98
C PHE C 42 -2.45 6.93 -2.67
N VAL C 43 -3.74 6.94 -2.34
CA VAL C 43 -4.21 7.53 -1.11
C VAL C 43 -3.57 6.92 0.16
N LYS C 44 -3.43 5.60 0.20
CA LYS C 44 -2.89 4.97 1.42
C LYS C 44 -1.46 5.43 1.67
N THR C 45 -0.67 5.45 0.61
CA THR C 45 0.71 5.87 0.68
C THR C 45 0.80 7.29 1.24
N SER C 46 -0.02 8.18 0.71
CA SER C 46 0.07 9.57 1.08
C SER C 46 -0.32 9.78 2.56
N LEU C 47 -1.29 9.00 3.01
CA LEU C 47 -1.62 8.99 4.43
C LEU C 47 -0.43 8.51 5.26
N SER C 48 0.17 7.39 4.87
CA SER C 48 1.38 6.92 5.56
C SER C 48 2.49 7.97 5.55
N LEU C 49 2.60 8.76 4.49
CA LEU C 49 3.65 9.76 4.41
C LEU C 49 3.40 10.97 5.29
N LEU C 50 2.13 11.33 5.51
CA LEU C 50 1.85 12.47 6.37
C LEU C 50 2.26 12.11 7.79
N THR C 51 1.68 11.06 8.33
CA THR C 51 2.04 10.57 9.66
C THR C 51 3.52 10.40 9.90
N LEU C 52 4.23 9.82 8.93
CA LEU C 52 5.62 9.44 9.11
C LEU C 52 6.51 10.66 9.20
N ASN C 53 6.15 11.68 8.41
CA ASN C 53 6.77 13.01 8.40
C ASN C 53 6.13 13.99 9.36
N ASN C 54 5.15 13.52 10.14
CA ASN C 54 4.49 14.34 11.16
C ASN C 54 3.81 15.60 10.60
N ILE C 55 3.20 15.48 9.44
CA ILE C 55 2.53 16.66 8.87
C ILE C 55 1.07 16.35 8.62
N VAL C 56 0.22 17.38 8.50
CA VAL C 56 -1.19 17.13 8.25
C VAL C 56 -1.61 17.52 6.85
N SER C 57 -0.67 17.99 6.04
CA SER C 57 -1.00 18.57 4.74
C SER C 57 0.19 18.51 3.83
N ALA C 58 -0.05 18.55 2.53
CA ALA C 58 1.06 18.69 1.56
C ALA C 58 0.58 19.20 0.21
N PRO C 59 1.37 20.08 -0.41
CA PRO C 59 1.01 20.52 -1.75
C PRO C 59 1.23 19.41 -2.75
N LEU C 60 0.35 19.32 -3.74
CA LEU C 60 0.50 18.31 -4.77
C LEU C 60 1.21 18.83 -6.04
N TRP C 61 2.07 17.99 -6.59
CA TRP C 61 2.80 18.29 -7.80
C TRP C 61 2.33 17.46 -8.98
N ASP C 62 1.96 18.14 -10.07
CA ASP C 62 1.61 17.45 -11.32
C ASP C 62 2.81 17.48 -12.24
N SER C 63 3.51 16.36 -12.28
CA SER C 63 4.93 16.41 -12.62
C SER C 63 5.13 16.43 -14.13
N GLU C 64 4.16 15.87 -14.86
CA GLU C 64 4.22 15.91 -16.31
C GLU C 64 4.11 17.34 -16.85
N ALA C 65 3.29 18.19 -16.21
CA ALA C 65 3.13 19.58 -16.63
C ALA C 65 4.05 20.54 -15.89
N ASN C 66 4.57 20.07 -14.75
CA ASN C 66 5.35 20.92 -13.82
C ASN C 66 4.47 22.00 -13.21
N LYS C 67 3.29 21.58 -12.75
CA LYS C 67 2.33 22.51 -12.24
C LYS C 67 1.82 22.03 -10.92
N PHE C 68 1.58 23.01 -10.05
CA PHE C 68 0.92 22.80 -8.78
C PHE C 68 -0.46 22.19 -9.04
N ALA C 69 -0.80 21.15 -8.32
CA ALA C 69 -1.94 20.35 -8.65
C ALA C 69 -2.92 20.30 -7.51
N GLY C 70 -2.80 21.22 -6.57
CA GLY C 70 -3.80 21.30 -5.54
C GLY C 70 -3.14 21.13 -4.21
N LEU C 71 -3.91 21.32 -3.16
CA LEU C 71 -3.36 21.24 -1.83
C LEU C 71 -4.06 20.09 -1.14
N LEU C 72 -3.29 19.16 -0.59
CA LEU C 72 -3.85 18.02 0.12
C LEU C 72 -3.94 18.31 1.62
N THR C 73 -5.16 18.30 2.14
CA THR C 73 -5.39 18.55 3.57
C THR C 73 -6.42 17.58 4.09
N MET C 74 -6.48 17.40 5.42
CA MET C 74 -7.51 16.54 6.02
C MET C 74 -8.95 16.82 5.54
N ALA C 75 -9.24 18.06 5.14
CA ALA C 75 -10.54 18.38 4.52
C ALA C 75 -10.92 17.48 3.32
N ASP C 76 -9.94 17.05 2.55
CA ASP C 76 -10.25 16.24 1.41
C ASP C 76 -10.96 14.96 1.90
N PHE C 77 -10.38 14.34 2.92
CA PHE C 77 -10.96 13.13 3.51
C PHE C 77 -12.26 13.35 4.22
N VAL C 78 -12.35 14.45 4.96
CA VAL C 78 -13.57 14.77 5.68
C VAL C 78 -14.73 14.96 4.71
N ASN C 79 -14.45 15.53 3.55
CA ASN C 79 -15.52 15.75 2.58
C ASN C 79 -15.95 14.49 1.85
N VAL C 80 -15.02 13.60 1.59
CA VAL C 80 -15.44 12.43 0.89
C VAL C 80 -16.25 11.53 1.83
N ILE C 81 -15.86 11.46 3.10
CA ILE C 81 -16.55 10.61 4.07
C ILE C 81 -17.99 11.09 4.25
N LYS C 82 -18.16 12.37 4.55
CA LYS C 82 -19.47 12.99 4.65
C LYS C 82 -20.37 12.57 3.50
N TYR C 83 -19.82 12.70 2.30
CA TYR C 83 -20.55 12.41 1.10
C TYR C 83 -21.05 10.97 1.11
N TYR C 84 -20.12 10.04 1.34
CA TYR C 84 -20.46 8.63 1.43
C TYR C 84 -21.51 8.32 2.50
N TYR C 85 -21.38 8.94 3.68
CA TYR C 85 -22.40 8.74 4.74
C TYR C 85 -23.78 9.26 4.38
N GLN C 86 -23.84 10.44 3.78
CA GLN C 86 -25.09 11.04 3.35
C GLN C 86 -25.70 10.42 2.11
N SER C 87 -24.96 9.63 1.37
CA SER C 87 -25.46 9.20 0.07
C SER C 87 -25.50 7.71 -0.16
N SER C 88 -24.56 6.99 0.43
CA SER C 88 -24.47 5.57 0.23
C SER C 88 -25.29 4.80 1.23
N SER C 89 -26.08 3.87 0.70
CA SER C 89 -26.84 2.94 1.51
C SER C 89 -25.94 1.77 1.92
N PHE C 90 -24.63 1.90 1.68
CA PHE C 90 -23.69 0.81 1.91
C PHE C 90 -22.51 1.27 2.75
N PRO C 91 -22.47 0.86 4.05
CA PRO C 91 -21.52 1.37 5.05
C PRO C 91 -20.10 0.98 4.72
N GLU C 92 -19.90 -0.18 4.09
CA GLU C 92 -18.54 -0.56 3.69
C GLU C 92 -18.05 0.08 2.38
N ALA C 93 -18.87 0.91 1.75
CA ALA C 93 -18.50 1.56 0.48
C ALA C 93 -17.38 2.55 0.66
N ILE C 94 -17.32 3.14 1.85
CA ILE C 94 -16.25 4.07 2.19
C ILE C 94 -14.88 3.45 1.95
N ALA C 95 -14.74 2.15 2.22
CA ALA C 95 -13.47 1.45 2.03
C ALA C 95 -12.84 1.67 0.65
N GLU C 96 -13.69 1.78 -0.38
CA GLU C 96 -13.32 2.09 -1.75
C GLU C 96 -12.22 3.14 -1.90
N ILE C 97 -12.19 4.10 -1.00
CA ILE C 97 -11.21 5.18 -1.09
C ILE C 97 -9.83 4.63 -1.42
N ASP C 98 -9.30 3.75 -0.57
CA ASP C 98 -7.96 3.14 -0.75
C ASP C 98 -7.49 2.84 -2.18
N LYS C 99 -8.40 2.53 -3.08
CA LYS C 99 -7.99 2.31 -4.47
C LYS C 99 -7.60 3.60 -5.22
N PHE C 100 -7.99 4.76 -4.70
CA PHE C 100 -7.80 6.00 -5.45
C PHE C 100 -6.38 6.53 -5.37
N ARG C 101 -5.93 7.09 -6.49
CA ARG C 101 -4.77 7.97 -6.50
C ARG C 101 -5.31 9.36 -6.23
N LEU C 102 -4.47 10.18 -5.60
CA LEU C 102 -4.83 11.52 -5.17
C LEU C 102 -5.58 12.29 -6.24
N LEU C 103 -5.18 12.09 -7.48
CA LEU C 103 -5.79 12.69 -8.64
C LEU C 103 -7.24 12.26 -8.78
N GLY C 104 -7.54 11.01 -8.49
CA GLY C 104 -8.88 10.49 -8.61
C GLY C 104 -9.72 10.76 -7.37
N LEU C 105 -9.06 11.06 -6.27
CA LEU C 105 -9.79 11.53 -5.12
C LEU C 105 -10.28 12.95 -5.42
N ARG C 106 -9.38 13.76 -5.96
CA ARG C 106 -9.69 15.11 -6.35
C ARG C 106 -10.74 15.20 -7.44
N GLU C 107 -10.85 14.18 -8.29
CA GLU C 107 -11.92 14.21 -9.27
C GLU C 107 -13.24 13.95 -8.57
N VAL C 108 -13.29 12.95 -7.68
CA VAL C 108 -14.53 12.69 -6.96
C VAL C 108 -14.99 13.95 -6.24
N GLU C 109 -14.08 14.63 -5.55
CA GLU C 109 -14.41 15.89 -4.92
C GLU C 109 -14.87 16.95 -5.90
N ARG C 110 -14.16 17.09 -7.02
CA ARG C 110 -14.54 18.04 -8.05
C ARG C 110 -15.99 17.75 -8.44
N LYS C 111 -16.26 16.51 -8.84
CA LYS C 111 -17.61 16.08 -9.24
C LYS C 111 -18.65 16.31 -8.13
N ILE C 112 -18.20 16.30 -6.89
CA ILE C 112 -19.12 16.29 -5.77
C ILE C 112 -19.42 17.70 -5.25
N GLY C 113 -18.71 18.68 -5.80
CA GLY C 113 -18.91 20.08 -5.47
C GLY C 113 -17.88 20.59 -4.48
N ALA C 114 -17.11 19.69 -3.88
CA ALA C 114 -16.30 20.01 -2.73
C ALA C 114 -15.05 20.84 -3.00
N ILE C 115 -14.78 21.14 -4.25
CA ILE C 115 -13.59 21.88 -4.57
C ILE C 115 -13.88 23.07 -5.50
N PRO C 116 -13.21 24.19 -5.24
CA PRO C 116 -13.07 25.24 -6.26
C PRO C 116 -12.47 24.70 -7.55
N PRO C 117 -13.01 25.15 -8.69
CA PRO C 117 -12.24 25.19 -9.93
C PRO C 117 -10.95 25.98 -9.77
N GLU C 118 -11.05 27.21 -9.30
CA GLU C 118 -9.88 28.05 -9.06
C GLU C 118 -9.15 27.62 -7.79
N THR C 119 -7.91 27.17 -7.96
CA THR C 119 -6.99 27.00 -6.83
C THR C 119 -6.61 28.35 -6.24
N ILE C 120 -6.88 28.53 -4.95
CA ILE C 120 -6.25 29.60 -4.18
C ILE C 120 -4.74 29.47 -4.18
N TYR C 121 -4.06 30.56 -4.49
CA TYR C 121 -2.60 30.68 -4.23
C TYR C 121 -2.20 32.13 -4.39
N VAL C 122 -0.98 32.47 -3.96
CA VAL C 122 -0.45 33.84 -4.14
C VAL C 122 1.04 33.83 -4.46
N HIS C 123 1.51 34.90 -5.10
CA HIS C 123 2.94 35.10 -5.30
C HIS C 123 3.57 35.42 -3.93
N PRO C 124 4.67 34.74 -3.58
CA PRO C 124 5.36 34.99 -2.29
C PRO C 124 5.97 36.39 -2.16
N MET C 125 6.20 37.08 -3.27
CA MET C 125 6.74 38.44 -3.23
C MET C 125 5.64 39.50 -3.21
N HIS C 126 4.38 39.09 -3.28
CA HIS C 126 3.27 40.03 -3.04
C HIS C 126 3.00 40.24 -1.54
N SER C 127 2.05 41.13 -1.26
CA SER C 127 1.80 41.50 0.11
C SER C 127 1.18 40.38 0.91
N LEU C 128 1.59 40.30 2.18
CA LEU C 128 1.03 39.36 3.13
C LEU C 128 -0.47 39.55 3.22
N MET C 129 -0.93 40.80 3.12
CA MET C 129 -2.35 41.03 3.03
C MET C 129 -3.00 40.15 1.96
N ASP C 130 -2.37 40.04 0.78
CA ASP C 130 -2.90 39.17 -0.27
C ASP C 130 -3.23 37.77 0.24
N ALA C 131 -2.31 37.21 1.01
CA ALA C 131 -2.49 35.88 1.59
C ALA C 131 -3.70 35.82 2.51
N CYS C 132 -3.94 36.86 3.31
CA CYS C 132 -5.02 36.83 4.30
C CYS C 132 -6.37 36.96 3.64
N LEU C 133 -6.47 37.92 2.72
CA LEU C 133 -7.72 38.16 2.01
C LEU C 133 -8.22 36.87 1.36
N ALA C 134 -7.30 36.13 0.76
CA ALA C 134 -7.64 34.92 0.06
C ALA C 134 -8.10 33.85 1.05
N MET C 135 -7.26 33.59 2.07
CA MET C 135 -7.58 32.65 3.13
C MET C 135 -8.86 32.99 3.87
N SER C 136 -9.37 34.20 3.70
CA SER C 136 -10.60 34.58 4.38
C SER C 136 -11.73 34.74 3.38
N LYS C 137 -11.38 34.87 2.11
CA LYS C 137 -12.37 34.93 1.02
C LYS C 137 -12.90 33.53 0.78
N SER C 138 -12.03 32.59 0.49
CA SER C 138 -12.33 31.19 0.76
C SER C 138 -12.03 31.04 2.25
N ARG C 139 -12.72 30.17 2.96
CA ARG C 139 -12.36 29.97 4.37
C ARG C 139 -11.22 28.93 4.54
N ALA C 140 -10.24 28.93 3.62
CA ALA C 140 -9.05 28.08 3.73
C ALA C 140 -8.19 28.53 4.92
N ARG C 141 -7.62 27.56 5.62
CA ARG C 141 -6.82 27.86 6.80
C ARG C 141 -5.34 27.72 6.54
N ARG C 142 -4.99 27.42 5.28
CA ARG C 142 -3.61 27.49 4.75
C ARG C 142 -3.56 27.73 3.23
N ILE C 143 -2.46 28.28 2.75
CA ILE C 143 -2.37 28.69 1.36
C ILE C 143 -0.98 28.52 0.72
N PRO C 144 -0.94 28.00 -0.51
CA PRO C 144 0.33 27.85 -1.18
C PRO C 144 0.90 29.16 -1.67
N LEU C 145 2.21 29.30 -1.52
CA LEU C 145 2.96 30.40 -2.09
C LEU C 145 3.61 29.87 -3.36
N ILE C 146 3.13 30.34 -4.51
CA ILE C 146 3.52 29.81 -5.81
C ILE C 146 4.11 30.93 -6.67
N ASP C 147 5.30 30.69 -7.23
CA ASP C 147 5.99 31.60 -8.15
C ASP C 147 6.22 30.87 -9.50
N VAL C 148 6.67 31.58 -10.53
CA VAL C 148 6.87 30.94 -11.81
C VAL C 148 8.27 31.22 -12.36
N ASP C 149 9.02 30.16 -12.67
CA ASP C 149 10.33 30.26 -13.31
C ASP C 149 10.10 30.54 -14.78
N GLY C 150 10.40 31.76 -15.20
CA GLY C 150 10.14 32.20 -16.56
C GLY C 150 11.04 31.57 -17.62
N GLU C 151 12.12 30.92 -17.19
CA GLU C 151 12.96 30.18 -18.12
C GLU C 151 12.30 28.89 -18.57
N THR C 152 11.41 28.33 -17.74
CA THR C 152 10.71 27.09 -18.08
C THR C 152 9.18 27.20 -18.11
N GLY C 153 8.64 28.18 -17.38
CA GLY C 153 7.19 28.35 -17.25
C GLY C 153 6.65 27.43 -16.17
N SER C 154 7.50 26.51 -15.72
CA SER C 154 7.18 25.65 -14.61
C SER C 154 6.94 26.51 -13.38
N GLU C 155 6.09 26.01 -12.49
CA GLU C 155 5.69 26.72 -11.28
C GLU C 155 6.61 26.37 -10.16
N MET C 156 6.81 27.28 -9.23
CA MET C 156 7.70 27.03 -8.11
C MET C 156 6.95 27.13 -6.78
N ILE C 157 6.61 25.98 -6.21
CA ILE C 157 5.97 25.97 -4.90
C ILE C 157 7.00 26.36 -3.84
N VAL C 158 6.89 27.57 -3.33
CA VAL C 158 7.88 28.04 -2.38
C VAL C 158 7.55 27.57 -0.96
N SER C 159 6.29 27.74 -0.55
CA SER C 159 5.87 27.27 0.76
C SER C 159 4.36 27.22 0.87
N VAL C 160 3.87 26.78 2.01
CA VAL C 160 2.47 26.85 2.32
C VAL C 160 2.40 27.67 3.58
N LEU C 161 1.55 28.68 3.59
CA LEU C 161 1.41 29.54 4.73
C LEU C 161 0.12 29.17 5.46
N THR C 162 0.22 28.94 6.77
CA THR C 162 -0.95 28.67 7.61
C THR C 162 -1.37 29.94 8.33
N GLN C 163 -2.63 30.01 8.77
CA GLN C 163 -3.05 31.11 9.64
C GLN C 163 -2.20 31.20 10.92
N TYR C 164 -2.01 30.07 11.59
CA TYR C 164 -1.17 30.05 12.77
C TYR C 164 0.16 30.75 12.53
N ARG C 165 0.84 30.45 11.42
CA ARG C 165 2.19 31.03 11.26
C ARG C 165 2.19 32.53 10.88
N ILE C 166 1.05 33.00 10.40
CA ILE C 166 0.92 34.41 10.17
C ILE C 166 0.77 35.13 11.50
N LEU C 167 -0.12 34.64 12.35
CA LEU C 167 -0.31 35.20 13.68
C LEU C 167 0.90 35.15 14.60
N LYS C 168 1.68 34.06 14.53
CA LYS C 168 2.91 33.96 15.31
C LYS C 168 3.88 35.06 14.88
N PHE C 169 3.99 35.20 13.56
CA PHE C 169 4.83 36.20 12.94
C PHE C 169 4.46 37.60 13.44
N ILE C 170 3.17 37.85 13.50
CA ILE C 170 2.66 39.12 13.98
C ILE C 170 2.96 39.25 15.47
N SER C 171 2.83 38.14 16.20
CA SER C 171 3.05 38.17 17.66
C SER C 171 4.48 38.52 17.99
N MET C 172 5.40 38.02 17.18
CA MET C 172 6.82 38.24 17.42
C MET C 172 7.38 39.55 16.90
N ASN C 173 6.65 40.21 15.99
CA ASN C 173 7.17 41.35 15.29
C ASN C 173 6.47 42.68 15.61
N CYS C 174 5.26 42.63 16.15
CA CYS C 174 4.50 43.84 16.48
C CYS C 174 4.35 44.12 17.95
N LYS C 175 5.11 45.11 18.46
CA LYS C 175 4.99 45.58 19.85
C LYS C 175 3.54 45.90 20.24
N GLU C 176 2.76 46.32 19.25
CA GLU C 176 1.40 46.78 19.45
C GLU C 176 0.39 45.68 19.82
N THR C 177 0.81 44.42 19.85
CA THR C 177 -0.11 43.38 20.32
C THR C 177 -0.38 43.59 21.78
N ALA C 178 0.59 44.17 22.48
CA ALA C 178 0.56 44.36 23.92
C ALA C 178 -0.39 45.50 24.31
N MET C 179 -0.92 46.18 23.31
CA MET C 179 -1.77 47.32 23.55
C MET C 179 -3.23 46.99 23.23
N LEU C 180 -3.47 45.75 22.80
CA LEU C 180 -4.83 45.21 22.68
C LEU C 180 -5.36 44.73 24.03
N ARG C 181 -5.90 45.66 24.79
CA ARG C 181 -6.25 45.39 26.16
C ARG C 181 -7.76 45.35 26.38
N VAL C 182 -8.53 45.16 25.32
CA VAL C 182 -9.99 45.11 25.44
C VAL C 182 -10.51 43.69 25.60
N PRO C 183 -11.22 43.43 26.71
CA PRO C 183 -11.74 42.10 26.98
C PRO C 183 -12.66 41.63 25.85
N LEU C 184 -12.56 40.36 25.55
CA LEU C 184 -13.33 39.70 24.49
C LEU C 184 -14.80 40.03 24.49
N ASN C 185 -15.40 40.09 25.68
CA ASN C 185 -16.84 40.29 25.82
C ASN C 185 -17.33 41.69 25.48
N GLN C 186 -16.40 42.61 25.24
CA GLN C 186 -16.76 43.95 24.80
C GLN C 186 -16.72 44.03 23.28
N MET C 187 -15.71 43.39 22.67
CA MET C 187 -15.58 43.36 21.21
C MET C 187 -16.61 42.46 20.54
N THR C 188 -16.63 42.44 19.22
CA THR C 188 -17.49 41.56 18.45
C THR C 188 -16.59 40.62 17.67
N ILE C 189 -16.50 39.39 18.15
CA ILE C 189 -15.44 38.45 17.76
C ILE C 189 -15.85 37.05 18.26
N GLY C 190 -15.49 35.98 17.55
CA GLY C 190 -15.90 34.63 17.93
C GLY C 190 -17.37 34.27 17.77
N THR C 191 -17.69 32.99 18.01
CA THR C 191 -19.05 32.49 17.96
C THR C 191 -19.53 32.12 19.36
N TRP C 192 -20.74 32.54 19.71
CA TRP C 192 -21.24 32.47 21.09
C TRP C 192 -22.59 31.82 21.19
N SER C 193 -23.09 31.27 20.10
CA SER C 193 -24.37 30.58 20.15
C SER C 193 -24.38 29.62 19.00
N ASN C 194 -25.21 28.57 19.12
CA ASN C 194 -25.30 27.51 18.11
C ASN C 194 -24.02 26.73 17.94
N LEU C 195 -23.28 26.56 19.03
CA LEU C 195 -22.04 25.78 18.94
C LEU C 195 -22.37 24.36 18.51
N ALA C 196 -21.56 23.79 17.62
CA ALA C 196 -21.64 22.37 17.33
C ALA C 196 -20.79 21.77 18.40
N THR C 197 -21.40 20.91 19.18
CA THR C 197 -20.73 20.32 20.32
C THR C 197 -20.92 18.80 20.18
N ALA C 198 -20.13 18.04 20.92
CA ALA C 198 -20.33 16.60 20.93
C ALA C 198 -19.92 16.04 22.28
N SER C 199 -20.28 14.79 22.53
CA SER C 199 -19.95 14.12 23.76
C SER C 199 -19.13 12.89 23.43
N MET C 200 -18.71 12.17 24.45
CA MET C 200 -17.94 10.94 24.27
C MET C 200 -18.79 9.85 23.58
N GLU C 201 -20.08 9.87 23.85
CA GLU C 201 -21.02 8.91 23.33
C GLU C 201 -21.24 9.10 21.83
N THR C 202 -21.03 10.31 21.35
CA THR C 202 -21.26 10.66 19.95
C THR C 202 -20.42 9.82 19.00
N LYS C 203 -20.98 9.51 17.82
CA LYS C 203 -20.28 8.70 16.86
C LYS C 203 -19.41 9.57 15.96
N VAL C 204 -18.25 9.04 15.58
CA VAL C 204 -17.26 9.84 14.87
C VAL C 204 -17.79 10.39 13.56
N TYR C 205 -18.48 9.54 12.81
CA TYR C 205 -19.07 10.03 11.59
C TYR C 205 -20.12 11.14 11.82
N ASP C 206 -20.76 11.18 12.99
CA ASP C 206 -21.63 12.34 13.25
C ASP C 206 -20.79 13.62 13.47
N VAL C 207 -19.65 13.49 14.15
CA VAL C 207 -18.73 14.58 14.35
C VAL C 207 -18.16 15.02 12.99
N ILE C 208 -17.96 14.07 12.10
CA ILE C 208 -17.41 14.44 10.81
C ILE C 208 -18.43 15.17 9.96
N LYS C 209 -19.69 14.77 10.07
CA LYS C 209 -20.76 15.48 9.38
C LYS C 209 -20.88 16.91 9.92
N MET C 210 -20.86 17.11 11.22
CA MET C 210 -20.80 18.47 11.76
C MET C 210 -19.66 19.26 11.12
N LEU C 211 -18.46 18.67 11.05
CA LEU C 211 -17.28 19.39 10.51
C LEU C 211 -17.44 19.83 9.07
N ALA C 212 -17.97 18.94 8.26
CA ALA C 212 -18.20 19.27 6.87
C ALA C 212 -19.33 20.31 6.73
N GLU C 213 -20.43 20.10 7.45
CA GLU C 213 -21.63 20.94 7.29
C GLU C 213 -21.43 22.41 7.71
N LYS C 214 -20.70 22.62 8.80
CA LYS C 214 -20.46 23.97 9.31
C LYS C 214 -19.13 24.59 8.84
N ASN C 215 -18.39 23.88 7.98
CA ASN C 215 -17.02 24.26 7.61
C ASN C 215 -16.28 24.75 8.84
N ILE C 216 -16.15 23.85 9.80
CA ILE C 216 -15.40 24.11 10.99
C ILE C 216 -14.26 23.08 11.11
N SER C 217 -13.17 23.48 11.77
CA SER C 217 -12.01 22.61 11.76
C SER C 217 -11.96 21.69 12.97
N ALA C 218 -12.86 21.90 13.93
CA ALA C 218 -12.84 21.18 15.20
C ALA C 218 -14.20 21.22 15.91
N VAL C 219 -14.45 20.30 16.84
CA VAL C 219 -15.73 20.21 17.55
C VAL C 219 -15.51 19.88 19.01
N PRO C 220 -16.03 20.72 19.92
CA PRO C 220 -15.74 20.55 21.35
C PRO C 220 -16.55 19.44 21.96
N ILE C 221 -15.95 18.71 22.87
CA ILE C 221 -16.63 17.62 23.50
C ILE C 221 -16.90 18.01 24.90
N VAL C 222 -18.16 17.88 25.28
CA VAL C 222 -18.62 18.29 26.59
C VAL C 222 -19.28 17.13 27.32
N ASN C 223 -19.43 17.29 28.62
CA ASN C 223 -20.16 16.29 29.35
C ASN C 223 -21.63 16.73 29.44
N SER C 224 -22.46 15.92 30.10
CA SER C 224 -23.86 16.24 30.29
C SER C 224 -24.07 17.68 30.80
N GLU C 225 -23.11 18.17 31.59
CA GLU C 225 -23.25 19.46 32.30
C GLU C 225 -22.69 20.55 31.44
N GLY C 226 -21.99 20.15 30.40
CA GLY C 226 -21.46 21.10 29.46
C GLY C 226 -20.14 21.63 29.94
N THR C 227 -19.46 20.90 30.82
CA THR C 227 -18.08 21.27 31.03
C THR C 227 -17.24 20.76 29.86
N LEU C 228 -16.18 21.49 29.55
CA LEU C 228 -15.33 21.16 28.43
C LEU C 228 -14.40 20.04 28.86
N LEU C 229 -14.36 18.99 28.05
CA LEU C 229 -13.51 17.85 28.31
C LEU C 229 -12.34 17.76 27.36
N ASN C 230 -12.60 17.97 26.08
CA ASN C 230 -11.64 17.74 25.02
C ASN C 230 -12.21 18.22 23.70
N VAL C 231 -11.61 17.80 22.59
CA VAL C 231 -11.94 18.33 21.26
C VAL C 231 -11.77 17.22 20.24
N TYR C 232 -12.47 17.32 19.13
CA TYR C 232 -12.23 16.38 18.06
C TYR C 232 -11.95 17.13 16.77
N GLU C 233 -10.68 17.10 16.34
CA GLU C 233 -10.22 17.91 15.22
C GLU C 233 -10.25 17.14 13.93
N SER C 234 -10.42 17.84 12.81
CA SER C 234 -10.31 17.19 11.53
C SER C 234 -8.98 16.48 11.40
N VAL C 235 -7.90 17.00 11.99
CA VAL C 235 -6.62 16.26 11.97
C VAL C 235 -6.70 14.92 12.74
N ASP C 236 -7.63 14.81 13.68
CA ASP C 236 -7.85 13.56 14.42
C ASP C 236 -8.38 12.45 13.53
N VAL C 237 -9.03 12.82 12.45
CA VAL C 237 -9.60 11.84 11.54
C VAL C 237 -8.46 11.08 10.83
N MET C 238 -7.37 11.77 10.61
CA MET C 238 -6.22 11.14 10.02
C MET C 238 -5.70 9.96 10.80
N HIS C 239 -5.86 9.98 12.11
CA HIS C 239 -5.26 8.92 12.91
C HIS C 239 -6.13 7.67 13.00
N LEU C 240 -7.39 7.82 12.68
CA LEU C 240 -8.30 6.70 12.69
C LEU C 240 -8.20 5.94 11.40
N ILE C 241 -8.03 6.65 10.29
CA ILE C 241 -8.00 5.98 9.01
C ILE C 241 -6.61 5.62 8.52
N GLN C 242 -5.58 5.89 9.32
CA GLN C 242 -4.21 5.73 8.81
C GLN C 242 -3.85 4.31 8.42
N ASP C 243 -4.54 3.33 8.98
CA ASP C 243 -4.19 1.93 8.68
C ASP C 243 -5.18 1.25 7.73
N GLY C 244 -6.09 2.03 7.19
CA GLY C 244 -7.06 1.52 6.24
C GLY C 244 -8.30 1.01 6.94
N ASP C 245 -8.39 1.23 8.24
CA ASP C 245 -9.53 0.77 9.02
C ASP C 245 -10.61 1.83 9.01
N TYR C 246 -11.35 1.87 7.90
CA TYR C 246 -12.41 2.87 7.72
C TYR C 246 -13.65 2.56 8.56
N SER C 247 -13.63 1.42 9.25
CA SER C 247 -14.66 1.11 10.21
C SER C 247 -14.40 1.76 11.58
N ASN C 248 -13.18 2.23 11.82
CA ASN C 248 -12.88 3.02 13.01
C ASN C 248 -13.73 4.28 13.06
N LEU C 249 -14.44 4.55 11.96
CA LEU C 249 -15.38 5.67 11.91
C LEU C 249 -16.65 5.43 12.73
N ASP C 250 -17.03 4.18 12.95
CA ASP C 250 -18.21 3.86 13.77
C ASP C 250 -17.92 3.90 15.26
N LEU C 251 -16.68 4.19 15.61
CA LEU C 251 -16.31 4.29 17.00
C LEU C 251 -17.04 5.48 17.59
N SER C 252 -17.30 5.42 18.89
CA SER C 252 -17.75 6.59 19.62
C SER C 252 -16.55 7.56 19.71
N VAL C 253 -16.81 8.80 20.06
CA VAL C 253 -15.73 9.77 20.12
C VAL C 253 -14.72 9.37 21.19
N GLY C 254 -15.24 8.80 22.28
CA GLY C 254 -14.43 8.48 23.43
C GLY C 254 -13.43 7.43 23.04
N GLU C 255 -13.94 6.33 22.47
CA GLU C 255 -13.08 5.27 21.98
C GLU C 255 -11.98 5.78 21.05
N ALA C 256 -12.31 6.74 20.21
CA ALA C 256 -11.41 7.21 19.16
C ALA C 256 -10.39 8.17 19.72
N LEU C 257 -10.76 8.80 20.83
CA LEU C 257 -9.92 9.80 21.44
C LEU C 257 -8.83 9.12 22.26
N LEU C 258 -8.94 7.81 22.41
CA LEU C 258 -7.98 7.01 23.16
C LEU C 258 -6.88 6.56 22.24
N LYS C 259 -7.18 6.57 20.94
CA LYS C 259 -6.21 6.16 19.95
C LYS C 259 -5.27 7.31 19.65
N ARG C 260 -5.32 8.36 20.45
CA ARG C 260 -4.59 9.60 20.19
C ARG C 260 -3.20 9.63 20.80
N PRO C 261 -2.17 9.89 19.97
CA PRO C 261 -0.77 9.89 20.41
C PRO C 261 -0.43 11.21 21.10
N ALA C 262 0.44 11.15 22.11
CA ALA C 262 0.83 12.34 22.86
C ALA C 262 2.00 13.05 22.18
N ASN C 263 1.81 14.33 21.90
CA ASN C 263 1.81 14.83 20.53
C ASN C 263 0.90 16.05 20.36
N PHE C 264 -0.09 16.18 21.24
CA PHE C 264 -1.36 16.78 20.88
C PHE C 264 -1.44 18.23 21.34
N ASP C 265 -1.40 19.16 20.40
CA ASP C 265 -1.26 20.57 20.73
C ASP C 265 -1.94 20.95 22.05
N GLY C 266 -2.87 20.12 22.49
CA GLY C 266 -3.62 20.42 23.70
C GLY C 266 -4.88 21.18 23.35
N VAL C 267 -5.64 21.50 24.38
CA VAL C 267 -6.84 22.31 24.25
C VAL C 267 -6.64 23.62 25.03
N HIS C 268 -6.85 24.76 24.36
CA HIS C 268 -6.60 26.04 25.01
C HIS C 268 -7.87 26.76 25.37
N THR C 269 -7.85 27.39 26.53
CA THR C 269 -9.06 28.00 27.05
C THR C 269 -8.75 29.37 27.56
N CYS C 270 -9.73 30.25 27.42
CA CYS C 270 -9.67 31.56 28.02
C CYS C 270 -11.03 31.88 28.62
N ARG C 271 -11.02 32.80 29.57
CA ARG C 271 -12.25 33.41 30.09
C ARG C 271 -12.76 34.43 29.08
N ALA C 272 -14.01 34.85 29.24
CA ALA C 272 -14.58 35.90 28.41
C ALA C 272 -13.97 37.27 28.73
N THR C 273 -13.43 37.41 29.94
CA THR C 273 -12.80 38.67 30.30
C THR C 273 -11.38 38.79 29.74
N ASP C 274 -10.85 37.70 29.19
CA ASP C 274 -9.52 37.74 28.57
C ASP C 274 -9.44 38.68 27.34
N ARG C 275 -8.27 39.23 27.09
CA ARG C 275 -8.11 40.15 25.98
C ARG C 275 -7.17 39.58 24.92
N LEU C 276 -7.11 40.21 23.74
CA LEU C 276 -6.20 39.78 22.64
C LEU C 276 -4.70 39.88 22.97
N ASP C 277 -4.32 40.78 23.89
CA ASP C 277 -2.91 40.94 24.22
C ASP C 277 -2.29 39.63 24.79
N GLY C 278 -3.02 38.96 25.69
CA GLY C 278 -2.56 37.70 26.25
C GLY C 278 -2.58 36.54 25.25
N ILE C 279 -3.53 36.57 24.33
CA ILE C 279 -3.68 35.51 23.35
C ILE C 279 -2.52 35.49 22.36
N PHE C 280 -2.17 36.66 21.83
CA PHE C 280 -0.97 36.77 21.01
C PHE C 280 0.25 36.30 21.77
N ASP C 281 0.18 36.35 23.09
CA ASP C 281 1.28 35.83 23.86
C ASP C 281 1.24 34.33 23.95
N ALA C 282 0.05 33.77 24.12
CA ALA C 282 -0.10 32.33 24.11
C ALA C 282 0.41 31.84 22.77
N ILE C 283 0.08 32.58 21.71
CA ILE C 283 0.48 32.21 20.37
C ILE C 283 1.99 32.29 20.19
N LYS C 284 2.59 33.36 20.73
CA LYS C 284 4.03 33.57 20.62
C LYS C 284 4.84 32.35 21.07
N HIS C 285 4.35 31.68 22.10
CA HIS C 285 5.15 30.65 22.74
C HIS C 285 4.58 29.25 22.64
N SER C 286 3.44 29.11 21.98
CA SER C 286 2.79 27.81 21.89
C SER C 286 1.88 27.68 20.66
N ARG C 287 1.61 26.43 20.28
CA ARG C 287 0.81 26.15 19.09
C ARG C 287 -0.65 26.05 19.46
N VAL C 288 -1.33 27.20 19.43
CA VAL C 288 -2.78 27.28 19.64
C VAL C 288 -3.46 27.22 18.30
N HIS C 289 -4.54 26.46 18.17
CA HIS C 289 -5.32 26.54 16.94
C HIS C 289 -6.67 27.17 17.14
N ARG C 290 -7.00 27.42 18.39
CA ARG C 290 -8.27 27.99 18.70
C ARG C 290 -8.39 28.05 20.21
N LEU C 291 -9.23 28.95 20.66
CA LEU C 291 -9.44 29.14 22.07
C LEU C 291 -10.90 28.88 22.38
N PHE C 292 -11.14 27.97 23.31
CA PHE C 292 -12.49 27.81 23.81
C PHE C 292 -12.64 28.73 25.01
N VAL C 293 -13.71 29.52 24.97
CA VAL C 293 -14.05 30.45 26.04
C VAL C 293 -14.99 29.78 27.04
N VAL C 294 -14.56 29.79 28.29
CA VAL C 294 -15.19 29.03 29.37
C VAL C 294 -15.40 29.88 30.64
N ASP C 295 -16.21 29.40 31.57
CA ASP C 295 -16.42 30.13 32.82
C ASP C 295 -15.55 29.58 33.95
N GLU C 296 -15.84 29.98 35.19
CA GLU C 296 -15.09 29.50 36.37
C GLU C 296 -14.97 27.98 36.36
N ASN C 297 -16.12 27.33 36.16
CA ASN C 297 -16.27 25.87 36.21
C ASN C 297 -16.07 25.15 34.88
N LEU C 298 -15.31 25.75 33.97
CA LEU C 298 -14.98 25.08 32.71
C LEU C 298 -16.20 24.82 31.86
N LYS C 299 -17.22 25.68 31.95
CA LYS C 299 -18.40 25.51 31.11
C LYS C 299 -18.18 26.30 29.84
N LEU C 300 -18.53 25.68 28.71
CA LEU C 300 -18.32 26.26 27.40
C LEU C 300 -19.27 27.42 27.13
N GLU C 301 -18.70 28.55 26.71
CA GLU C 301 -19.46 29.74 26.37
C GLU C 301 -19.39 30.11 24.90
N GLY C 302 -18.32 29.69 24.22
CA GLY C 302 -18.10 30.06 22.84
C GLY C 302 -16.70 29.76 22.37
N ILE C 303 -16.41 30.11 21.12
CA ILE C 303 -15.16 29.73 20.48
C ILE C 303 -14.48 30.89 19.77
N LEU C 304 -13.21 31.08 20.08
CA LEU C 304 -12.45 32.09 19.42
C LEU C 304 -11.42 31.38 18.56
N SER C 305 -11.58 31.53 17.25
CA SER C 305 -10.82 30.77 16.26
C SER C 305 -9.74 31.62 15.57
N LEU C 306 -8.79 30.98 14.90
CA LEU C 306 -7.68 31.72 14.27
C LEU C 306 -8.15 32.64 13.15
N ALA C 307 -9.07 32.13 12.33
CA ALA C 307 -9.69 32.96 11.30
C ALA C 307 -10.26 34.19 11.98
N ASP C 308 -11.11 33.94 12.99
CA ASP C 308 -11.73 34.95 13.84
C ASP C 308 -10.76 36.09 14.17
N ILE C 309 -9.59 35.76 14.67
CA ILE C 309 -8.60 36.74 15.05
C ILE C 309 -8.01 37.46 13.86
N LEU C 310 -7.66 36.71 12.82
CA LEU C 310 -7.06 37.27 11.64
C LEU C 310 -8.05 38.23 11.02
N ASN C 311 -9.29 37.75 10.88
CA ASN C 311 -10.38 38.56 10.31
C ASN C 311 -10.66 39.84 11.10
N TYR C 312 -10.60 39.74 12.41
CA TYR C 312 -10.80 40.91 13.25
C TYR C 312 -9.70 41.95 13.03
N ILE C 313 -8.50 41.54 12.66
CA ILE C 313 -7.46 42.53 12.52
C ILE C 313 -7.27 42.97 11.09
N ILE C 314 -7.53 42.08 10.13
CA ILE C 314 -7.26 42.44 8.76
C ILE C 314 -8.30 43.37 8.20
N TYR C 315 -9.53 43.28 8.68
CA TYR C 315 -10.56 44.16 8.15
C TYR C 315 -10.61 45.45 8.95
N ASP C 316 -10.90 46.56 8.26
CA ASP C 316 -11.11 47.89 8.87
C ASP C 316 -12.41 47.92 9.68
N LYS C 317 -12.42 48.65 10.80
CA LYS C 317 -13.57 48.58 11.71
C LYS C 317 -14.61 49.67 11.46
N ASP C 328 -24.86 23.35 5.55
CA ASP C 328 -24.81 21.99 5.00
C ASP C 328 -24.07 21.96 3.68
N ASN C 329 -22.76 21.75 3.74
CA ASN C 329 -22.05 21.02 2.69
C ASN C 329 -20.67 20.57 3.15
N PHE C 330 -19.72 21.49 3.16
CA PHE C 330 -18.34 21.19 2.76
C PHE C 330 -17.32 21.99 3.60
N GLU C 331 -16.19 21.34 3.90
CA GLU C 331 -15.12 21.94 4.68
C GLU C 331 -13.92 22.37 3.82
N SER C 332 -13.43 23.58 4.08
CA SER C 332 -12.29 24.15 3.38
C SER C 332 -11.00 23.56 3.84
N ALA C 333 -9.97 23.68 3.00
CA ALA C 333 -8.59 23.28 3.36
C ALA C 333 -8.29 23.53 4.84
N VAL C 334 -7.73 22.51 5.50
CA VAL C 334 -7.51 22.55 6.94
C VAL C 334 -6.02 22.57 7.28
N ASN D 11 -11.41 -6.46 9.27
CA ASN D 11 -12.25 -7.15 10.30
C ASN D 11 -12.79 -8.53 9.81
N LYS D 12 -14.11 -8.77 9.97
CA LYS D 12 -14.69 -10.12 10.05
C LYS D 12 -15.67 -10.49 8.92
N TRP D 13 -15.78 -11.79 8.60
CA TRP D 13 -16.65 -12.31 7.51
C TRP D 13 -18.15 -12.46 7.87
N HIS D 14 -19.01 -11.74 7.17
CA HIS D 14 -20.45 -11.87 7.32
C HIS D 14 -20.98 -12.25 5.94
N PHE D 15 -22.19 -12.75 5.89
CA PHE D 15 -22.82 -12.95 4.58
C PHE D 15 -23.24 -11.63 3.98
N GLY D 16 -23.25 -11.61 2.65
CA GLY D 16 -23.83 -10.55 1.84
C GLY D 16 -23.10 -9.26 2.11
N VAL D 17 -23.64 -8.18 1.57
CA VAL D 17 -23.14 -6.87 1.90
C VAL D 17 -24.15 -6.19 2.84
N ARG D 18 -23.63 -5.39 3.78
CA ARG D 18 -24.44 -4.59 4.69
C ARG D 18 -25.03 -3.41 3.94
N CYS D 19 -26.30 -3.12 4.20
CA CYS D 19 -26.95 -1.91 3.77
C CYS D 19 -27.51 -1.16 4.96
N ARG D 20 -27.77 0.13 4.74
CA ARG D 20 -28.22 1.06 5.77
CA ARG D 20 -28.28 1.00 5.78
C ARG D 20 -29.41 1.91 5.26
N GLY D 21 -30.30 2.31 6.16
CA GLY D 21 -31.38 3.22 5.80
C GLY D 21 -32.71 2.53 5.57
N ASP D 22 -33.39 2.91 4.49
CA ASP D 22 -34.74 2.44 4.20
C ASP D 22 -34.72 1.45 3.06
N ALA D 23 -35.32 0.28 3.30
CA ALA D 23 -35.30 -0.82 2.33
C ALA D 23 -35.68 -0.40 0.90
N PRO D 24 -36.78 0.34 0.76
CA PRO D 24 -37.19 0.66 -0.60
C PRO D 24 -36.09 1.35 -1.40
N GLU D 25 -35.38 2.30 -0.78
CA GLU D 25 -34.24 2.99 -1.42
C GLU D 25 -33.17 1.99 -1.84
N ILE D 26 -32.84 1.08 -0.93
CA ILE D 26 -31.80 0.11 -1.15
C ILE D 26 -32.12 -0.76 -2.35
N LEU D 27 -33.40 -1.10 -2.50
CA LEU D 27 -33.83 -1.95 -3.60
C LEU D 27 -33.53 -1.17 -4.85
N LEU D 28 -33.93 0.09 -4.87
CA LEU D 28 -33.58 1.03 -5.94
C LEU D 28 -32.09 1.03 -6.29
N ALA D 29 -31.23 1.19 -5.28
CA ALA D 29 -29.79 1.22 -5.51
C ALA D 29 -29.33 -0.08 -6.13
N VAL D 30 -29.90 -1.19 -5.64
CA VAL D 30 -29.55 -2.49 -6.19
C VAL D 30 -29.89 -2.52 -7.68
N TYR D 31 -31.05 -2.00 -8.07
CA TYR D 31 -31.44 -2.14 -9.43
C TYR D 31 -30.53 -1.33 -10.32
N ARG D 32 -30.25 -0.11 -9.86
CA ARG D 32 -29.35 0.79 -10.56
C ARG D 32 -27.96 0.16 -10.74
N ALA D 33 -27.51 -0.56 -9.72
CA ALA D 33 -26.21 -1.19 -9.79
C ALA D 33 -26.21 -2.30 -10.85
N LEU D 34 -27.16 -3.22 -10.72
CA LEU D 34 -27.36 -4.32 -11.69
C LEU D 34 -27.38 -3.79 -13.12
N GLN D 35 -28.13 -2.71 -13.31
CA GLN D 35 -28.26 -2.12 -14.60
C GLN D 35 -26.91 -1.64 -15.11
N ARG D 36 -26.19 -0.92 -14.27
CA ARG D 36 -24.86 -0.43 -14.65
C ARG D 36 -23.88 -1.61 -14.77
N ALA D 37 -24.28 -2.76 -14.23
CA ALA D 37 -23.42 -3.93 -14.24
C ALA D 37 -23.70 -4.86 -15.42
N GLY D 38 -24.63 -4.47 -16.29
CA GLY D 38 -24.94 -5.28 -17.45
C GLY D 38 -26.12 -6.22 -17.29
N ALA D 39 -26.34 -6.70 -16.08
CA ALA D 39 -27.36 -7.72 -15.77
C ALA D 39 -28.79 -7.44 -16.26
N GLN D 40 -29.62 -8.49 -16.25
CA GLN D 40 -31.07 -8.37 -16.43
C GLN D 40 -31.76 -8.91 -15.19
N PHE D 41 -33.06 -8.61 -15.04
CA PHE D 41 -33.70 -8.82 -13.75
C PHE D 41 -35.22 -8.82 -13.78
N THR D 42 -35.80 -9.41 -12.73
CA THR D 42 -37.24 -9.38 -12.50
C THR D 42 -37.65 -8.12 -11.77
N VAL D 43 -38.83 -7.62 -12.17
CA VAL D 43 -39.50 -6.46 -11.58
C VAL D 43 -40.45 -7.01 -10.52
N PRO D 44 -40.62 -6.32 -9.38
CA PRO D 44 -41.66 -6.79 -8.49
C PRO D 44 -42.95 -6.88 -9.27
N LYS D 45 -43.60 -8.04 -9.21
CA LYS D 45 -44.95 -8.17 -9.71
C LYS D 45 -45.93 -8.07 -8.55
N PRO D 46 -46.90 -7.14 -8.64
CA PRO D 46 -47.86 -7.04 -7.55
C PRO D 46 -48.89 -8.18 -7.62
N VAL D 47 -49.44 -8.54 -6.44
CA VAL D 47 -50.52 -9.50 -6.36
C VAL D 47 -51.74 -8.80 -5.78
N ASN D 48 -52.89 -9.00 -6.41
CA ASN D 48 -54.15 -8.48 -5.90
C ASN D 48 -54.06 -7.00 -5.57
N GLY D 49 -53.41 -6.24 -6.44
CA GLY D 49 -53.42 -4.78 -6.31
C GLY D 49 -52.28 -4.20 -5.48
N LYS D 50 -51.58 -5.05 -4.72
CA LYS D 50 -50.49 -4.57 -3.86
C LYS D 50 -49.20 -5.37 -4.04
N TYR D 51 -48.07 -4.72 -3.81
CA TYR D 51 -46.80 -5.40 -3.83
C TYR D 51 -46.57 -6.13 -2.52
N ARG D 52 -45.92 -7.30 -2.59
CA ARG D 52 -45.65 -8.07 -1.37
C ARG D 52 -44.15 -8.15 -1.12
N SER D 53 -43.79 -8.81 -0.01
CA SER D 53 -42.39 -9.07 0.32
C SER D 53 -41.61 -9.72 -0.82
N ASP D 54 -42.31 -10.47 -1.68
CA ASP D 54 -41.75 -11.04 -2.91
C ASP D 54 -40.87 -10.03 -3.62
N MET D 55 -41.17 -8.77 -3.32
CA MET D 55 -40.50 -7.58 -3.85
C MET D 55 -38.99 -7.66 -3.69
N TYR D 56 -38.56 -8.05 -2.50
CA TYR D 56 -37.15 -7.93 -2.12
C TYR D 56 -36.32 -9.12 -2.58
N THR D 57 -36.88 -9.80 -3.57
CA THR D 57 -36.28 -10.99 -4.14
C THR D 57 -36.09 -10.72 -5.63
N ILE D 58 -34.86 -10.42 -6.02
CA ILE D 58 -34.55 -10.23 -7.42
C ILE D 58 -33.86 -11.47 -7.94
N LYS D 59 -34.45 -12.03 -8.99
CA LYS D 59 -33.74 -12.99 -9.81
C LYS D 59 -33.09 -12.20 -10.94
N SER D 60 -31.79 -12.39 -11.13
CA SER D 60 -31.08 -11.66 -12.19
C SER D 60 -30.36 -12.63 -13.09
N ARG D 61 -30.03 -12.18 -14.30
CA ARG D 61 -29.30 -13.01 -15.23
C ARG D 61 -28.24 -12.17 -15.97
N TRP D 62 -27.08 -12.78 -16.19
CA TRP D 62 -25.88 -12.08 -16.66
C TRP D 62 -25.22 -12.82 -17.82
N GLU D 63 -25.06 -12.13 -18.95
CA GLU D 63 -24.20 -12.62 -20.02
C GLU D 63 -22.82 -12.79 -19.39
N ILE D 64 -22.38 -14.03 -19.19
CA ILE D 64 -21.05 -14.23 -18.62
C ILE D 64 -19.97 -13.81 -19.61
N PRO D 65 -19.17 -12.78 -19.23
CA PRO D 65 -18.14 -12.13 -20.02
C PRO D 65 -17.30 -13.05 -20.91
N HIS D 66 -16.44 -13.87 -20.31
CA HIS D 66 -15.44 -14.62 -21.08
C HIS D 66 -16.00 -15.61 -22.10
N CYS D 67 -17.25 -16.01 -21.90
CA CYS D 67 -17.95 -16.87 -22.86
C CYS D 67 -18.30 -16.14 -24.17
N LYS D 68 -18.80 -14.92 -24.04
CA LYS D 68 -19.01 -14.05 -25.18
C LYS D 68 -17.74 -13.89 -26.00
N ARG D 69 -16.67 -13.41 -25.35
CA ARG D 69 -15.37 -13.29 -26.03
C ARG D 69 -15.08 -14.57 -26.82
N GLU D 70 -15.37 -15.71 -26.19
CA GLU D 70 -15.20 -17.01 -26.82
C GLU D 70 -16.49 -17.57 -27.43
N GLY D 71 -17.39 -16.64 -27.75
CA GLY D 71 -18.59 -16.92 -28.55
C GLY D 71 -19.49 -18.01 -28.03
N LYS D 72 -19.90 -17.89 -26.78
CA LYS D 72 -20.84 -18.86 -26.18
C LYS D 72 -21.97 -18.16 -25.43
N ASN D 73 -23.20 -18.35 -25.92
CA ASN D 73 -24.37 -17.77 -25.30
C ASN D 73 -24.74 -18.44 -23.98
N THR D 74 -23.99 -18.07 -22.95
CA THR D 74 -24.10 -18.69 -21.62
C THR D 74 -24.27 -17.66 -20.51
N TYR D 75 -25.14 -18.00 -19.57
CA TYR D 75 -25.63 -17.06 -18.61
C TYR D 75 -25.32 -17.55 -17.20
N ALA D 76 -25.42 -16.63 -16.26
CA ALA D 76 -25.24 -16.94 -14.86
C ALA D 76 -26.46 -16.44 -14.11
N TYR D 77 -27.05 -17.31 -13.30
CA TYR D 77 -28.27 -17.00 -12.59
C TYR D 77 -27.99 -16.67 -11.11
N ILE D 78 -28.35 -15.46 -10.70
CA ILE D 78 -28.06 -14.92 -9.38
C ILE D 78 -29.32 -14.34 -8.72
N GLU D 79 -29.67 -14.88 -7.57
CA GLU D 79 -30.82 -14.46 -6.79
C GLU D 79 -30.27 -13.49 -5.74
N LEU D 80 -30.73 -12.23 -5.76
CA LEU D 80 -30.43 -11.33 -4.66
C LEU D 80 -31.59 -11.41 -3.69
N GLN D 81 -31.36 -11.02 -2.45
CA GLN D 81 -32.42 -11.08 -1.44
C GLN D 81 -32.10 -10.18 -0.26
N LEU D 82 -33.05 -9.30 0.09
CA LEU D 82 -32.87 -8.39 1.17
C LEU D 82 -33.48 -8.95 2.42
N TYR D 83 -32.78 -8.75 3.54
CA TYR D 83 -33.28 -9.10 4.86
C TYR D 83 -33.02 -7.94 5.80
N GLU D 84 -34.00 -7.66 6.66
CA GLU D 84 -33.84 -6.71 7.73
C GLU D 84 -33.12 -7.47 8.85
N VAL D 85 -32.18 -6.82 9.52
CA VAL D 85 -31.45 -7.45 10.64
C VAL D 85 -31.88 -6.84 11.95
N MET D 86 -32.09 -5.53 11.92
CA MET D 86 -32.63 -4.77 13.01
C MET D 86 -33.14 -3.47 12.39
N PRO D 87 -33.95 -2.68 13.12
CA PRO D 87 -34.52 -1.47 12.52
C PRO D 87 -33.46 -0.59 11.82
N GLY D 88 -33.68 -0.34 10.53
CA GLY D 88 -32.80 0.51 9.74
C GLY D 88 -31.59 -0.18 9.13
N CYS D 89 -31.37 -1.46 9.45
CA CYS D 89 -30.16 -2.16 8.96
C CYS D 89 -30.46 -3.50 8.31
N PHE D 90 -29.76 -3.75 7.21
CA PHE D 90 -30.14 -4.79 6.26
C PHE D 90 -28.96 -5.59 5.75
N MET D 91 -29.26 -6.67 5.05
CA MET D 91 -28.25 -7.46 4.37
C MET D 91 -28.75 -7.75 2.99
N LEU D 92 -27.86 -7.64 2.02
CA LEU D 92 -28.18 -8.10 0.69
C LEU D 92 -27.50 -9.45 0.42
N ASP D 93 -28.27 -10.50 0.59
CA ASP D 93 -27.80 -11.85 0.34
C ASP D 93 -27.69 -12.15 -1.15
N VAL D 94 -26.47 -12.46 -1.62
CA VAL D 94 -26.27 -12.80 -3.02
C VAL D 94 -25.95 -14.30 -3.15
N LYS D 95 -26.63 -14.98 -4.07
CA LYS D 95 -26.70 -16.44 -4.11
C LYS D 95 -26.69 -17.01 -5.55
N SER D 96 -25.81 -17.97 -5.84
CA SER D 96 -25.76 -18.51 -7.20
C SER D 96 -26.90 -19.50 -7.46
N ASN D 97 -27.55 -19.40 -8.63
CA ASN D 97 -28.39 -20.52 -9.11
C ASN D 97 -27.74 -21.24 -10.29
N GLY D 98 -26.49 -20.88 -10.58
CA GLY D 98 -25.64 -21.58 -11.54
C GLY D 98 -25.62 -21.06 -12.95
N TYR D 99 -25.19 -21.92 -13.87
CA TYR D 99 -24.91 -21.56 -15.26
C TYR D 99 -25.69 -22.43 -16.25
N LYS D 100 -25.85 -21.93 -17.47
CA LYS D 100 -26.52 -22.66 -18.54
C LYS D 100 -26.02 -22.19 -19.91
N ASP D 101 -25.79 -23.13 -20.83
CA ASP D 101 -25.50 -22.81 -22.22
C ASP D 101 -26.79 -22.85 -23.03
N ILE D 102 -27.40 -21.68 -23.23
CA ILE D 102 -28.61 -21.59 -24.04
C ILE D 102 -28.40 -22.17 -25.44
N LYS D 118 -21.81 -26.85 -8.77
CA LYS D 118 -20.46 -26.67 -9.27
C LYS D 118 -19.75 -25.38 -8.80
N SER D 119 -19.01 -24.75 -9.72
CA SER D 119 -17.91 -23.85 -9.36
C SER D 119 -18.33 -22.50 -8.82
N SER D 120 -17.49 -21.96 -7.94
CA SER D 120 -17.70 -20.66 -7.29
C SER D 120 -17.40 -19.49 -8.24
N PHE D 121 -16.71 -19.79 -9.34
CA PHE D 121 -16.44 -18.83 -10.38
C PHE D 121 -17.28 -19.14 -11.62
N PRO D 122 -17.64 -18.13 -12.43
CA PRO D 122 -17.37 -16.69 -12.35
C PRO D 122 -18.35 -15.95 -11.44
N PHE D 123 -19.12 -16.71 -10.69
CA PHE D 123 -20.03 -16.11 -9.76
C PHE D 123 -19.36 -15.11 -8.80
N LEU D 124 -18.21 -15.47 -8.24
CA LEU D 124 -17.52 -14.49 -7.38
C LEU D 124 -17.08 -13.22 -8.13
N ASP D 125 -16.64 -13.41 -9.38
CA ASP D 125 -16.14 -12.34 -10.23
C ASP D 125 -17.27 -11.40 -10.61
N LEU D 126 -18.46 -11.97 -10.73
CA LEU D 126 -19.63 -11.17 -11.06
C LEU D 126 -20.14 -10.44 -9.83
N CYS D 127 -20.17 -11.12 -8.69
CA CYS D 127 -20.42 -10.43 -7.41
C CYS D 127 -19.52 -9.20 -7.19
N ALA D 128 -18.26 -9.33 -7.57
CA ALA D 128 -17.32 -8.25 -7.44
C ALA D 128 -17.67 -7.08 -8.39
N MET D 129 -18.25 -7.39 -9.56
CA MET D 129 -18.81 -6.33 -10.39
C MET D 129 -19.92 -5.65 -9.59
N LEU D 130 -20.87 -6.46 -9.11
CA LEU D 130 -22.03 -5.92 -8.40
C LEU D 130 -21.62 -5.01 -7.25
N VAL D 131 -20.65 -5.47 -6.48
CA VAL D 131 -20.19 -4.77 -5.31
C VAL D 131 -19.53 -3.44 -5.71
N CYS D 132 -18.74 -3.48 -6.78
CA CYS D 132 -18.11 -2.26 -7.27
C CYS D 132 -19.11 -1.27 -7.79
N LYS D 133 -20.19 -1.79 -8.32
CA LYS D 133 -21.23 -0.92 -8.84
C LYS D 133 -22.08 -0.36 -7.69
N LEU D 134 -22.43 -1.19 -6.72
CA LEU D 134 -23.14 -0.71 -5.54
C LEU D 134 -22.36 0.42 -4.87
N PHE D 135 -21.03 0.29 -4.83
CA PHE D 135 -20.15 1.21 -4.10
C PHE D 135 -19.82 2.55 -4.75
N SER D 136 -20.01 2.66 -6.05
CA SER D 136 -19.71 3.92 -6.68
C SER D 136 -20.96 4.53 -7.27
N ALA D 137 -22.06 4.46 -6.52
CA ALA D 137 -23.32 5.04 -6.96
C ALA D 137 -23.30 6.53 -6.66
N GLN E 6 -39.82 -12.46 -18.56
CA GLN E 6 -39.50 -12.40 -17.11
C GLN E 6 -38.30 -11.47 -16.80
N TYR E 7 -37.25 -11.52 -17.63
CA TYR E 7 -36.05 -10.69 -17.40
C TYR E 7 -36.15 -9.32 -18.03
N SER E 8 -35.83 -8.29 -17.27
CA SER E 8 -35.99 -6.94 -17.77
C SER E 8 -34.69 -6.17 -17.67
N THR E 9 -34.65 -5.04 -18.37
CA THR E 9 -33.47 -4.25 -18.61
C THR E 9 -33.57 -2.83 -18.01
N GLU E 10 -34.80 -2.37 -17.79
CA GLU E 10 -34.99 -1.04 -17.23
C GLU E 10 -35.62 -1.17 -15.85
N ILE E 11 -35.06 -0.38 -14.92
CA ILE E 11 -35.53 -0.21 -13.55
C ILE E 11 -37.06 -0.14 -13.45
N PRO E 12 -37.66 -0.81 -12.43
CA PRO E 12 -39.11 -0.72 -12.26
C PRO E 12 -39.53 0.75 -12.08
N ALA E 13 -40.57 1.14 -12.82
CA ALA E 13 -40.90 2.55 -13.01
C ALA E 13 -41.12 3.30 -11.70
N PHE E 14 -41.91 2.71 -10.82
CA PHE E 14 -42.34 3.38 -9.59
C PHE E 14 -41.20 3.72 -8.61
N LEU E 15 -40.17 2.88 -8.61
CA LEU E 15 -38.99 3.07 -7.74
C LEU E 15 -38.15 4.29 -8.08
N THR E 16 -38.16 4.66 -9.35
CA THR E 16 -37.32 5.75 -9.83
C THR E 16 -37.60 7.08 -9.15
N SER E 17 -38.82 7.60 -9.28
CA SER E 17 -39.13 8.97 -8.85
C SER E 17 -39.42 9.37 -7.40
N ASN E 18 -40.58 8.92 -6.89
CA ASN E 18 -40.93 9.04 -5.48
C ASN E 18 -42.17 8.15 -5.35
N THR E 19 -42.06 7.05 -4.62
CA THR E 19 -40.89 6.79 -3.78
C THR E 19 -40.77 7.83 -2.67
N LEU E 20 -41.09 7.43 -1.45
CA LEU E 20 -40.54 8.06 -0.26
C LEU E 20 -41.50 7.95 0.92
N GLN E 21 -42.47 7.03 0.81
CA GLN E 21 -43.58 6.97 1.75
C GLN E 21 -44.91 7.22 1.04
N GLU E 22 -45.06 6.62 -0.13
CA GLU E 22 -46.19 6.92 -1.00
C GLU E 22 -47.13 5.72 -1.06
N LEU E 23 -46.57 4.54 -1.31
CA LEU E 23 -47.36 3.31 -1.21
C LEU E 23 -46.98 2.47 0.02
N LYS E 24 -46.81 3.14 1.16
CA LYS E 24 -46.60 2.50 2.48
C LYS E 24 -46.06 1.06 2.37
N LEU E 25 -44.97 0.93 1.61
CA LEU E 25 -44.53 -0.35 1.00
C LEU E 25 -44.34 -1.56 1.93
N PRO E 26 -44.42 -2.79 1.35
CA PRO E 26 -44.06 -4.02 2.07
C PRO E 26 -42.61 -3.97 2.52
N LYS E 27 -42.39 -4.31 3.78
CA LYS E 27 -41.04 -4.44 4.35
C LYS E 27 -40.46 -5.81 3.99
N PRO E 28 -39.12 -5.92 3.91
CA PRO E 28 -38.48 -7.20 3.61
C PRO E 28 -38.57 -8.20 4.77
N PRO E 29 -38.34 -9.51 4.48
CA PRO E 29 -38.34 -10.52 5.53
C PRO E 29 -37.21 -10.29 6.51
N SER E 30 -37.34 -10.83 7.70
CA SER E 30 -36.29 -10.72 8.72
C SER E 30 -35.11 -11.62 8.39
N LEU E 31 -33.94 -11.29 8.94
CA LEU E 31 -32.77 -12.14 8.84
C LEU E 31 -33.02 -13.48 9.55
N PRO E 32 -32.76 -14.57 8.84
CA PRO E 32 -32.92 -15.91 9.42
C PRO E 32 -31.65 -16.39 10.09
N PRO E 33 -31.80 -17.24 11.12
CA PRO E 33 -30.71 -17.54 12.02
C PRO E 33 -29.52 -18.15 11.30
N HIS E 34 -29.77 -19.06 10.37
CA HIS E 34 -28.65 -19.71 9.69
C HIS E 34 -27.76 -18.72 8.94
N LEU E 35 -28.30 -17.55 8.59
CA LEU E 35 -27.45 -16.55 7.95
C LEU E 35 -26.59 -15.67 8.88
N GLU E 36 -26.46 -16.06 10.15
CA GLU E 36 -25.76 -15.22 11.11
C GLU E 36 -24.29 -15.60 11.31
N LYS E 37 -24.03 -16.85 11.72
CA LYS E 37 -22.67 -17.38 11.81
C LYS E 37 -22.18 -17.71 10.40
N CYS E 38 -20.86 -17.76 10.25
CA CYS E 38 -20.23 -17.89 8.96
C CYS E 38 -19.02 -18.82 9.10
N ILE E 39 -19.05 -19.90 8.32
CA ILE E 39 -18.03 -20.97 8.34
C ILE E 39 -16.59 -20.45 8.39
N LEU E 40 -16.30 -19.43 7.61
CA LEU E 40 -14.97 -18.81 7.57
C LEU E 40 -14.47 -18.17 8.86
N ASN E 41 -15.34 -17.85 9.79
CA ASN E 41 -14.92 -17.37 11.09
C ASN E 41 -14.72 -18.52 12.05
N SER E 42 -13.63 -19.25 11.86
CA SER E 42 -13.33 -20.44 12.66
C SER E 42 -11.98 -20.99 12.26
N ASN E 43 -11.12 -21.16 13.26
CA ASN E 43 -9.84 -21.82 13.07
C ASN E 43 -9.73 -22.95 14.10
N THR E 44 -10.37 -24.07 13.78
CA THR E 44 -10.51 -25.22 14.68
C THR E 44 -9.35 -26.19 14.57
N ALA E 45 -8.42 -25.91 13.68
CA ALA E 45 -7.37 -26.82 13.34
C ALA E 45 -6.10 -26.04 13.08
N TYR E 46 -6.10 -24.77 13.49
CA TYR E 46 -5.02 -23.83 13.21
C TYR E 46 -3.64 -24.47 13.36
N LYS E 47 -3.52 -25.36 14.33
CA LYS E 47 -2.26 -25.98 14.72
C LYS E 47 -1.93 -27.24 13.92
N GLU E 48 -2.90 -27.79 13.21
CA GLU E 48 -2.68 -29.03 12.43
C GLU E 48 -2.93 -28.78 10.94
N ASP E 49 -4.03 -28.10 10.64
CA ASP E 49 -4.31 -27.70 9.29
C ASP E 49 -5.25 -26.50 9.24
N GLN E 50 -4.66 -25.30 9.15
CA GLN E 50 -5.39 -24.02 9.05
C GLN E 50 -6.51 -24.02 8.04
N SER E 51 -6.45 -24.95 7.08
CA SER E 51 -7.41 -24.87 6.00
C SER E 51 -8.71 -25.52 6.39
N VAL E 52 -8.61 -26.41 7.37
CA VAL E 52 -9.74 -27.23 7.80
C VAL E 52 -10.90 -26.46 8.46
N LEU E 53 -12.03 -26.40 7.75
CA LEU E 53 -13.27 -25.78 8.19
C LEU E 53 -14.34 -26.78 8.71
N PRO E 54 -15.31 -26.30 9.52
CA PRO E 54 -16.44 -27.19 9.85
C PRO E 54 -17.20 -27.50 8.57
N ASN E 55 -18.11 -28.45 8.60
CA ASN E 55 -19.00 -28.59 7.47
C ASN E 55 -19.93 -27.40 7.35
N PRO E 56 -20.11 -26.89 6.11
CA PRO E 56 -20.99 -25.76 5.89
C PRO E 56 -22.40 -26.26 5.97
N ASN E 57 -23.37 -25.37 5.87
CA ASN E 57 -24.73 -25.83 5.92
C ASN E 57 -25.32 -25.89 4.53
N HIS E 58 -25.95 -27.02 4.22
CA HIS E 58 -26.53 -27.28 2.90
C HIS E 58 -27.17 -26.05 2.25
N VAL E 59 -28.08 -25.38 2.94
CA VAL E 59 -28.81 -24.26 2.31
C VAL E 59 -28.00 -22.96 2.24
N LEU E 60 -26.69 -23.06 2.46
CA LEU E 60 -25.81 -21.90 2.37
C LEU E 60 -24.72 -22.08 1.33
N LEU E 61 -24.86 -23.12 0.50
CA LEU E 61 -23.94 -23.29 -0.60
C LEU E 61 -24.08 -22.15 -1.63
N ASN E 62 -22.94 -21.64 -2.07
CA ASN E 62 -22.85 -20.54 -3.05
C ASN E 62 -23.59 -19.22 -2.76
N HIS E 63 -23.67 -18.84 -1.49
CA HIS E 63 -24.08 -17.50 -1.08
C HIS E 63 -22.81 -16.64 -0.96
N LEU E 64 -22.93 -15.35 -1.20
CA LEU E 64 -21.79 -14.48 -1.06
C LEU E 64 -21.58 -14.21 0.40
N ALA E 65 -20.31 -14.26 0.79
CA ALA E 65 -19.84 -13.76 2.08
C ALA E 65 -18.76 -12.70 1.82
N ALA E 66 -18.61 -11.74 2.72
CA ALA E 66 -17.71 -10.59 2.48
C ALA E 66 -16.97 -10.20 3.74
N ALA E 67 -15.81 -9.59 3.58
CA ALA E 67 -15.05 -9.15 4.71
C ALA E 67 -14.34 -7.87 4.37
N ASN E 68 -14.31 -7.02 5.38
CA ASN E 68 -13.52 -5.81 5.39
C ASN E 68 -12.02 -6.04 5.38
N THR E 69 -11.31 -5.27 4.59
CA THR E 69 -9.89 -5.38 4.63
C THR E 69 -9.44 -3.98 4.90
N GLN E 70 -8.19 -3.83 5.31
CA GLN E 70 -7.64 -2.51 5.36
C GLN E 70 -6.40 -2.55 4.50
N LEU E 71 -6.55 -3.13 3.32
CA LEU E 71 -5.48 -3.25 2.37
C LEU E 71 -5.90 -2.78 1.00
N GLY E 72 -7.02 -2.08 0.95
CA GLY E 72 -7.48 -1.48 -0.27
C GLY E 72 -8.05 -2.46 -1.26
N VAL E 73 -8.39 -3.68 -0.82
CA VAL E 73 -8.92 -4.70 -1.72
C VAL E 73 -10.27 -5.26 -1.28
N LEU E 74 -10.97 -5.93 -2.20
CA LEU E 74 -12.17 -6.70 -1.89
C LEU E 74 -11.82 -8.12 -1.47
N ALA E 75 -12.42 -8.54 -0.36
CA ALA E 75 -12.36 -9.91 0.16
C ALA E 75 -13.75 -10.56 0.06
N LEU E 76 -13.86 -11.64 -0.70
CA LEU E 76 -15.14 -12.24 -1.02
C LEU E 76 -15.01 -13.75 -1.06
N SER E 77 -16.14 -14.43 -0.88
CA SER E 77 -16.08 -15.82 -0.58
C SER E 77 -17.37 -16.55 -0.81
N ALA E 78 -17.24 -17.83 -1.10
CA ALA E 78 -18.40 -18.67 -1.32
C ALA E 78 -18.01 -20.12 -1.13
N THR E 79 -18.95 -20.90 -0.66
CA THR E 79 -18.65 -22.28 -0.36
C THR E 79 -19.35 -23.14 -1.38
N THR E 80 -18.63 -24.12 -1.94
CA THR E 80 -19.24 -24.98 -2.92
C THR E 80 -18.80 -26.41 -2.71
N ARG E 81 -19.64 -27.34 -3.15
CA ARG E 81 -19.36 -28.75 -3.02
C ARG E 81 -18.67 -29.16 -4.29
N TYR E 82 -17.37 -29.40 -4.23
CA TYR E 82 -16.66 -30.14 -5.29
C TYR E 82 -16.75 -31.62 -4.97
N HIS E 83 -17.31 -32.39 -5.89
CA HIS E 83 -17.62 -33.80 -5.65
C HIS E 83 -18.35 -33.97 -4.33
N ARG E 84 -17.72 -34.66 -3.38
CA ARG E 84 -18.33 -34.88 -2.07
C ARG E 84 -17.70 -34.14 -0.92
N LYS E 85 -16.86 -33.16 -1.26
CA LYS E 85 -16.14 -32.33 -0.31
C LYS E 85 -16.36 -30.83 -0.53
N TYR E 86 -16.08 -30.03 0.49
CA TYR E 86 -16.37 -28.60 0.41
C TYR E 86 -15.17 -27.70 0.28
N VAL E 87 -15.25 -26.81 -0.69
CA VAL E 87 -14.20 -25.84 -0.92
C VAL E 87 -14.77 -24.49 -0.66
N THR E 88 -14.28 -23.83 0.39
CA THR E 88 -14.67 -22.44 0.57
C THR E 88 -13.58 -21.60 0.01
N THR E 89 -13.73 -21.12 -1.21
CA THR E 89 -12.71 -20.22 -1.75
C THR E 89 -12.89 -18.76 -1.33
N ALA E 90 -11.84 -18.19 -0.73
CA ALA E 90 -11.77 -16.76 -0.42
C ALA E 90 -10.91 -16.14 -1.49
N MET E 91 -11.48 -15.18 -2.21
CA MET E 91 -10.70 -14.45 -3.20
C MET E 91 -10.41 -13.03 -2.72
N PHE E 92 -9.22 -12.54 -3.10
CA PHE E 92 -8.76 -11.19 -2.80
C PHE E 92 -8.52 -10.41 -4.07
N LYS E 93 -9.34 -9.40 -4.26
CA LYS E 93 -9.52 -8.87 -5.59
C LYS E 93 -9.42 -7.35 -5.53
N ASN E 94 -8.95 -6.74 -6.62
CA ASN E 94 -8.91 -5.30 -6.74
C ASN E 94 -10.28 -4.70 -6.98
N PHE E 95 -10.37 -3.39 -6.78
CA PHE E 95 -11.57 -2.63 -7.10
C PHE E 95 -11.43 -1.99 -8.46
N ASP E 96 -12.33 -1.06 -8.74
CA ASP E 96 -12.58 -0.42 -10.05
C ASP E 96 -13.68 -1.23 -10.80
N ASP F 3 15.52 -59.20 4.49
CA ASP F 3 14.44 -59.69 5.33
C ASP F 3 14.27 -58.85 6.58
N VAL F 4 15.18 -57.88 6.61
CA VAL F 4 14.82 -56.49 6.90
C VAL F 4 15.01 -55.61 5.67
N GLN F 5 15.99 -55.97 4.83
CA GLN F 5 16.13 -55.35 3.54
C GLN F 5 15.05 -55.93 2.63
N GLU F 6 14.58 -57.15 2.92
CA GLU F 6 13.46 -57.74 2.18
C GLU F 6 12.11 -57.11 2.54
N THR F 7 11.82 -56.95 3.84
CA THR F 7 10.53 -56.38 4.28
C THR F 7 10.30 -54.96 3.80
N GLN F 8 11.37 -54.17 3.68
CA GLN F 8 11.23 -52.78 3.25
C GLN F 8 10.71 -52.74 1.81
N LYS F 9 11.33 -53.52 0.93
CA LYS F 9 10.93 -53.59 -0.48
C LYS F 9 9.45 -53.87 -0.67
N GLY F 10 8.96 -54.91 0.03
CA GLY F 10 7.56 -55.34 -0.05
C GLY F 10 6.57 -54.35 0.52
N ALA F 11 7.08 -53.43 1.34
CA ALA F 11 6.25 -52.42 1.96
C ALA F 11 6.21 -51.20 1.04
N LEU F 12 7.32 -50.96 0.35
CA LEU F 12 7.37 -49.90 -0.62
C LEU F 12 6.31 -50.13 -1.69
N LYS F 13 6.20 -51.38 -2.15
CA LYS F 13 5.21 -51.74 -3.16
C LYS F 13 3.74 -51.61 -2.72
N GLU F 14 3.41 -51.96 -1.48
CA GLU F 14 2.10 -51.62 -0.92
C GLU F 14 1.85 -50.11 -1.01
N ILE F 15 2.83 -49.34 -0.52
CA ILE F 15 2.72 -47.89 -0.46
C ILE F 15 2.62 -47.33 -1.88
N GLN F 16 3.47 -47.81 -2.77
CA GLN F 16 3.33 -47.54 -4.20
C GLN F 16 1.92 -47.86 -4.70
N ALA F 17 1.41 -49.06 -4.42
CA ALA F 17 0.04 -49.41 -4.84
C ALA F 17 -0.99 -48.48 -4.21
N PHE F 18 -0.78 -48.15 -2.94
CA PHE F 18 -1.74 -47.38 -2.19
C PHE F 18 -1.91 -46.02 -2.81
N ILE F 19 -0.79 -45.38 -3.07
CA ILE F 19 -0.86 -44.05 -3.60
C ILE F 19 -1.45 -44.11 -5.01
N ARG F 20 -1.18 -45.19 -5.74
CA ARG F 20 -1.68 -45.38 -7.09
C ARG F 20 -3.21 -45.49 -7.08
N SER F 21 -3.76 -46.10 -6.03
CA SER F 21 -5.20 -46.32 -5.89
C SER F 21 -5.96 -45.12 -5.33
N ARG F 22 -5.23 -44.06 -5.03
CA ARG F 22 -5.84 -42.90 -4.46
C ARG F 22 -5.78 -41.75 -5.46
N THR F 23 -6.82 -40.91 -5.46
CA THR F 23 -6.89 -39.75 -6.31
C THR F 23 -6.22 -38.63 -5.55
N SER F 24 -5.86 -37.55 -6.23
CA SER F 24 -5.38 -36.35 -5.53
C SER F 24 -6.46 -35.82 -4.60
N TYR F 25 -7.69 -35.81 -5.11
CA TYR F 25 -8.91 -35.55 -4.35
C TYR F 25 -8.87 -36.15 -2.93
N ASP F 26 -8.43 -37.41 -2.84
CA ASP F 26 -8.48 -38.13 -1.58
C ASP F 26 -7.65 -37.53 -0.45
N VAL F 27 -6.79 -36.58 -0.78
CA VAL F 27 -5.86 -36.04 0.19
C VAL F 27 -6.48 -34.85 0.91
N LEU F 28 -7.52 -34.29 0.30
CA LEU F 28 -8.15 -33.08 0.78
C LEU F 28 -9.02 -33.37 1.98
N PRO F 29 -9.09 -32.40 2.91
CA PRO F 29 -10.02 -32.46 4.02
C PRO F 29 -11.42 -32.42 3.46
N THR F 30 -12.39 -32.91 4.19
CA THR F 30 -13.72 -32.96 3.64
C THR F 30 -14.29 -31.56 3.49
N SER F 31 -13.72 -30.63 4.22
CA SER F 31 -14.16 -29.24 4.16
C SER F 31 -13.02 -28.27 4.50
N PHE F 32 -12.71 -27.36 3.59
CA PHE F 32 -11.57 -26.48 3.80
C PHE F 32 -11.74 -25.16 3.08
N ARG F 33 -10.79 -24.25 3.30
CA ARG F 33 -10.78 -22.94 2.65
C ARG F 33 -9.65 -22.89 1.61
N LEU F 34 -9.78 -22.03 0.59
CA LEU F 34 -8.70 -21.82 -0.39
C LEU F 34 -8.51 -20.34 -0.76
N ILE F 35 -7.37 -19.80 -0.34
CA ILE F 35 -7.09 -18.39 -0.57
C ILE F 35 -6.52 -18.22 -1.96
N VAL F 36 -7.17 -17.35 -2.74
CA VAL F 36 -6.80 -17.10 -4.11
C VAL F 36 -6.47 -15.61 -4.26
N PHE F 37 -5.53 -15.23 -5.12
CA PHE F 37 -5.28 -13.80 -5.40
C PHE F 37 -5.55 -13.36 -6.84
N ASP F 38 -6.25 -12.25 -7.04
CA ASP F 38 -6.31 -11.63 -8.35
C ASP F 38 -4.85 -11.40 -8.82
N VAL F 39 -4.55 -11.79 -10.05
CA VAL F 39 -3.24 -11.48 -10.62
C VAL F 39 -2.90 -10.00 -10.64
N THR F 40 -3.91 -9.13 -10.58
CA THR F 40 -3.60 -7.73 -10.71
C THR F 40 -3.30 -7.07 -9.38
N LEU F 41 -3.29 -7.83 -8.30
CA LEU F 41 -2.87 -7.29 -7.00
C LEU F 41 -1.44 -6.78 -7.06
N PHE F 42 -1.17 -5.67 -6.37
CA PHE F 42 0.19 -5.19 -6.17
C PHE F 42 0.94 -6.20 -5.34
N VAL F 43 2.26 -6.21 -5.48
CA VAL F 43 3.09 -7.09 -4.69
C VAL F 43 2.98 -6.77 -3.19
N LYS F 44 3.10 -5.49 -2.84
CA LYS F 44 3.05 -5.12 -1.43
C LYS F 44 1.77 -5.64 -0.78
N THR F 45 0.66 -5.52 -1.49
CA THR F 45 -0.64 -5.96 -1.01
C THR F 45 -0.60 -7.45 -0.76
N SER F 46 -0.02 -8.19 -1.68
CA SER F 46 -0.10 -9.62 -1.60
C SER F 46 0.78 -10.21 -0.50
N LEU F 47 1.85 -9.51 -0.14
CA LEU F 47 2.70 -9.97 0.98
C LEU F 47 1.95 -9.80 2.27
N SER F 48 1.29 -8.65 2.42
CA SER F 48 0.48 -8.43 3.58
C SER F 48 -0.61 -9.48 3.70
N LEU F 49 -1.30 -9.77 2.61
CA LEU F 49 -2.35 -10.77 2.68
C LEU F 49 -1.78 -12.13 3.01
N LEU F 50 -0.55 -12.38 2.60
CA LEU F 50 0.09 -13.65 2.89
C LEU F 50 0.32 -13.78 4.37
N THR F 51 0.94 -12.74 4.96
CA THR F 51 1.31 -12.81 6.36
C THR F 51 0.08 -12.81 7.28
N LEU F 52 -0.78 -11.80 7.17
CA LEU F 52 -2.09 -11.78 7.83
C LEU F 52 -2.83 -13.12 7.83
N ASN F 53 -2.82 -13.83 6.71
CA ASN F 53 -3.50 -15.11 6.64
C ASN F 53 -2.64 -16.31 6.97
N ASN F 54 -1.49 -16.04 7.58
CA ASN F 54 -0.55 -17.04 8.06
C ASN F 54 -0.17 -18.07 7.02
N ILE F 55 0.04 -17.62 5.78
CA ILE F 55 0.31 -18.53 4.68
C ILE F 55 1.49 -18.04 3.84
N VAL F 56 2.11 -18.95 3.08
CA VAL F 56 3.32 -18.67 2.27
C VAL F 56 3.08 -18.82 0.75
N SER F 57 1.81 -18.94 0.37
CA SER F 57 1.49 -19.33 -0.99
C SER F 57 0.04 -19.09 -1.37
N ALA F 58 -0.21 -18.67 -2.60
CA ALA F 58 -1.58 -18.52 -3.09
C ALA F 58 -1.66 -18.78 -4.55
N PRO F 59 -2.66 -19.53 -4.97
CA PRO F 59 -3.01 -19.59 -6.37
C PRO F 59 -3.44 -18.21 -6.86
N LEU F 60 -2.92 -17.83 -8.02
CA LEU F 60 -3.35 -16.62 -8.69
C LEU F 60 -4.52 -16.86 -9.65
N TRP F 61 -5.41 -15.89 -9.74
CA TRP F 61 -6.60 -15.97 -10.57
C TRP F 61 -6.63 -14.87 -11.57
N ASP F 62 -7.15 -15.17 -12.75
CA ASP F 62 -7.29 -14.17 -13.81
C ASP F 62 -8.75 -14.00 -14.16
N SER F 63 -9.35 -12.93 -13.68
CA SER F 63 -10.77 -12.73 -13.84
C SER F 63 -11.14 -12.70 -15.31
N GLU F 64 -10.41 -11.91 -16.08
CA GLU F 64 -10.68 -11.69 -17.50
C GLU F 64 -10.96 -13.05 -18.16
N ALA F 65 -9.88 -13.81 -18.34
CA ALA F 65 -9.92 -15.10 -18.99
C ALA F 65 -10.67 -16.17 -18.18
N ASN F 66 -10.71 -15.98 -16.85
CA ASN F 66 -11.38 -16.88 -15.90
C ASN F 66 -10.73 -18.26 -15.84
N LYS F 67 -9.57 -18.29 -15.23
CA LYS F 67 -8.54 -19.19 -15.68
C LYS F 67 -7.39 -19.06 -14.72
N PHE F 68 -6.86 -20.20 -14.33
CA PHE F 68 -5.70 -20.25 -13.45
C PHE F 68 -4.50 -19.49 -14.02
N ALA F 69 -3.83 -18.71 -13.19
CA ALA F 69 -2.72 -17.91 -13.70
C ALA F 69 -1.42 -18.09 -12.91
N GLY F 70 -1.31 -19.18 -12.19
CA GLY F 70 -0.04 -19.54 -11.61
C GLY F 70 -0.03 -19.56 -10.12
N LEU F 71 1.15 -19.78 -9.58
CA LEU F 71 1.30 -19.92 -8.15
C LEU F 71 2.21 -18.86 -7.60
N LEU F 72 1.77 -18.20 -6.55
CA LEU F 72 2.68 -17.32 -5.86
C LEU F 72 3.29 -18.13 -4.74
N THR F 73 4.62 -18.20 -4.70
CA THR F 73 5.37 -18.85 -3.62
C THR F 73 6.52 -17.92 -3.36
N MET F 74 7.36 -18.24 -2.37
CA MET F 74 8.49 -17.36 -2.07
C MET F 74 9.60 -17.50 -3.12
N ALA F 75 9.62 -18.64 -3.81
CA ALA F 75 10.52 -18.86 -4.95
C ALA F 75 10.50 -17.65 -5.88
N ASP F 76 9.30 -17.22 -6.25
CA ASP F 76 9.11 -16.01 -7.01
C ASP F 76 9.95 -14.86 -6.47
N PHE F 77 9.89 -14.61 -5.18
CA PHE F 77 10.66 -13.53 -4.60
C PHE F 77 12.13 -13.87 -4.53
N VAL F 78 12.45 -15.04 -4.01
CA VAL F 78 13.84 -15.44 -3.91
C VAL F 78 14.55 -15.19 -5.24
N ASN F 79 13.91 -15.58 -6.33
CA ASN F 79 14.55 -15.53 -7.64
C ASN F 79 14.82 -14.12 -8.14
N VAL F 80 13.80 -13.27 -8.07
CA VAL F 80 13.96 -11.89 -8.47
C VAL F 80 15.01 -11.18 -7.58
N ILE F 81 15.06 -11.51 -6.30
CA ILE F 81 16.07 -10.92 -5.41
C ILE F 81 17.46 -11.37 -5.82
N LYS F 82 17.64 -12.66 -6.00
CA LYS F 82 18.93 -13.14 -6.43
C LYS F 82 19.33 -12.42 -7.72
N TYR F 83 18.36 -12.24 -8.60
CA TYR F 83 18.59 -11.65 -9.92
C TYR F 83 19.04 -10.17 -9.87
N TYR F 84 18.25 -9.33 -9.21
CA TYR F 84 18.73 -7.99 -8.90
C TYR F 84 20.12 -7.94 -8.28
N TYR F 85 20.45 -8.87 -7.38
CA TYR F 85 21.74 -8.81 -6.68
C TYR F 85 22.89 -9.09 -7.59
N GLN F 86 22.70 -10.09 -8.44
CA GLN F 86 23.74 -10.54 -9.32
C GLN F 86 23.90 -9.57 -10.47
N SER F 87 22.81 -8.84 -10.76
CA SER F 87 22.77 -8.10 -12.03
C SER F 87 22.74 -6.60 -11.93
N SER F 88 22.44 -6.04 -10.78
CA SER F 88 22.33 -4.58 -10.68
C SER F 88 23.54 -3.96 -10.01
N SER F 89 23.89 -2.75 -10.39
CA SER F 89 24.94 -1.99 -9.69
C SER F 89 24.32 -0.96 -8.75
N PHE F 90 23.04 -1.14 -8.46
CA PHE F 90 22.33 -0.23 -7.59
C PHE F 90 21.55 -0.96 -6.51
N PRO F 91 22.12 -1.03 -5.30
CA PRO F 91 21.49 -1.61 -4.09
C PRO F 91 19.98 -1.36 -3.94
N GLU F 92 19.52 -0.14 -4.19
CA GLU F 92 18.13 0.21 -3.95
C GLU F 92 17.22 -0.20 -5.09
N ALA F 93 17.77 -0.76 -6.16
CA ALA F 93 16.96 -1.08 -7.33
C ALA F 93 15.90 -2.11 -6.96
N ILE F 94 16.28 -3.01 -6.06
CA ILE F 94 15.40 -4.05 -5.54
C ILE F 94 14.08 -3.46 -4.97
N ALA F 95 14.18 -2.26 -4.40
CA ALA F 95 13.02 -1.60 -3.84
C ALA F 95 11.96 -1.38 -4.89
N GLU F 96 12.35 -1.29 -6.17
CA GLU F 96 11.36 -0.99 -7.21
C GLU F 96 10.32 -2.09 -7.34
N ILE F 97 10.66 -3.27 -6.83
CA ILE F 97 9.74 -4.42 -6.81
C ILE F 97 8.34 -4.09 -6.26
N ASP F 98 8.29 -3.21 -5.26
CA ASP F 98 7.01 -2.73 -4.70
C ASP F 98 6.16 -1.85 -5.64
N LYS F 99 6.66 -1.54 -6.84
CA LYS F 99 5.81 -0.91 -7.84
C LYS F 99 4.93 -1.93 -8.57
N PHE F 100 5.32 -3.20 -8.53
CA PHE F 100 4.77 -4.23 -9.41
C PHE F 100 3.46 -4.85 -8.96
N ARG F 101 2.62 -5.14 -9.92
CA ARG F 101 1.50 -6.02 -9.70
C ARG F 101 2.00 -7.44 -9.86
N LEU F 102 1.26 -8.43 -9.36
CA LEU F 102 1.70 -9.80 -9.47
C LEU F 102 1.92 -10.20 -10.92
N LEU F 103 1.05 -9.70 -11.80
CA LEU F 103 1.24 -9.85 -13.25
C LEU F 103 2.65 -9.43 -13.65
N GLY F 104 3.05 -8.21 -13.26
CA GLY F 104 4.36 -7.64 -13.55
C GLY F 104 5.53 -8.45 -13.03
N LEU F 105 5.43 -8.95 -11.80
CA LEU F 105 6.45 -9.79 -11.20
C LEU F 105 6.59 -11.14 -11.93
N ARG F 106 5.47 -11.67 -12.43
CA ARG F 106 5.53 -12.86 -13.27
C ARG F 106 6.17 -12.67 -14.66
N GLU F 107 5.84 -11.56 -15.34
CA GLU F 107 6.38 -11.30 -16.66
C GLU F 107 7.89 -11.11 -16.54
N VAL F 108 8.29 -10.49 -15.44
CA VAL F 108 9.69 -10.28 -15.12
C VAL F 108 10.38 -11.61 -14.84
N GLU F 109 9.71 -12.53 -14.13
CA GLU F 109 10.31 -13.84 -13.85
C GLU F 109 10.49 -14.67 -15.09
N ARG F 110 9.58 -14.54 -16.04
CA ARG F 110 9.67 -15.26 -17.30
C ARG F 110 10.84 -14.71 -18.14
N LYS F 111 11.02 -13.39 -18.11
CA LYS F 111 12.16 -12.70 -18.74
C LYS F 111 13.51 -13.29 -18.37
N ILE F 112 13.74 -13.43 -17.07
CA ILE F 112 15.03 -13.90 -16.56
C ILE F 112 15.18 -15.44 -16.61
N GLY F 113 14.10 -16.14 -16.97
CA GLY F 113 14.11 -17.58 -17.18
C GLY F 113 13.82 -18.36 -15.91
N ALA F 114 12.91 -17.85 -15.09
CA ALA F 114 12.67 -18.40 -13.76
C ALA F 114 11.38 -19.21 -13.69
N ILE F 115 10.38 -18.78 -14.43
CA ILE F 115 9.11 -19.49 -14.45
C ILE F 115 9.03 -20.21 -15.80
N PRO F 116 8.87 -21.55 -15.77
CA PRO F 116 8.84 -22.34 -16.99
C PRO F 116 7.68 -21.90 -17.86
N PRO F 117 7.81 -22.07 -19.19
CA PRO F 117 6.65 -21.77 -20.03
C PRO F 117 5.49 -22.67 -19.59
N GLU F 118 5.76 -23.97 -19.44
CA GLU F 118 4.76 -24.91 -18.91
C GLU F 118 4.28 -24.51 -17.51
N THR F 119 2.97 -24.65 -17.27
CA THR F 119 2.35 -24.43 -15.95
C THR F 119 1.94 -25.79 -15.40
N ILE F 120 2.59 -26.26 -14.33
CA ILE F 120 2.29 -27.63 -13.87
C ILE F 120 1.17 -27.73 -12.87
N TYR F 121 0.27 -28.66 -13.16
CA TYR F 121 -0.99 -28.78 -12.47
C TYR F 121 -1.56 -30.14 -12.87
N VAL F 122 -2.27 -30.78 -11.94
CA VAL F 122 -2.91 -32.06 -12.22
C VAL F 122 -4.40 -31.95 -11.96
N HIS F 123 -5.18 -32.85 -12.52
CA HIS F 123 -6.61 -32.89 -12.33
C HIS F 123 -6.82 -33.60 -10.99
N PRO F 124 -7.75 -33.09 -10.15
CA PRO F 124 -7.97 -33.65 -8.81
C PRO F 124 -8.39 -35.09 -8.78
N MET F 125 -9.00 -35.60 -9.84
CA MET F 125 -9.55 -36.98 -9.85
C MET F 125 -8.65 -37.97 -10.57
N HIS F 126 -7.60 -37.44 -11.17
CA HIS F 126 -6.51 -38.26 -11.65
C HIS F 126 -5.73 -38.82 -10.46
N SER F 127 -4.97 -39.87 -10.71
CA SER F 127 -4.27 -40.57 -9.65
C SER F 127 -3.27 -39.66 -8.92
N LEU F 128 -3.10 -39.96 -7.63
CA LEU F 128 -2.11 -39.33 -6.77
C LEU F 128 -0.72 -39.54 -7.31
N MET F 129 -0.50 -40.69 -7.95
CA MET F 129 0.80 -40.96 -8.53
C MET F 129 1.14 -39.94 -9.59
N ASP F 130 0.21 -39.72 -10.51
CA ASP F 130 0.38 -38.74 -11.57
C ASP F 130 0.83 -37.37 -11.03
N ALA F 131 0.40 -37.02 -9.82
CA ALA F 131 0.81 -35.74 -9.18
C ALA F 131 2.22 -35.77 -8.62
N CYS F 132 2.61 -36.88 -8.02
CA CYS F 132 3.93 -37.01 -7.43
C CYS F 132 4.99 -37.03 -8.53
N LEU F 133 4.65 -37.66 -9.66
CA LEU F 133 5.50 -37.64 -10.83
C LEU F 133 5.57 -36.29 -11.54
N ALA F 134 4.58 -35.43 -11.31
CA ALA F 134 4.63 -34.09 -11.84
C ALA F 134 5.62 -33.32 -10.99
N MET F 135 5.43 -33.41 -9.69
CA MET F 135 6.19 -32.67 -8.71
C MET F 135 7.66 -33.06 -8.79
N SER F 136 7.92 -34.35 -9.01
CA SER F 136 9.28 -34.87 -9.06
C SER F 136 10.05 -34.37 -10.29
N LYS F 137 9.40 -34.39 -11.46
CA LYS F 137 10.01 -33.96 -12.73
C LYS F 137 10.13 -32.43 -12.82
N SER F 138 9.11 -31.73 -12.31
CA SER F 138 9.10 -30.28 -12.34
C SER F 138 9.95 -29.71 -11.23
N ARG F 139 10.32 -30.55 -10.28
CA ARG F 139 11.02 -30.13 -9.07
C ARG F 139 10.20 -29.13 -8.21
N ALA F 140 8.93 -28.95 -8.55
CA ALA F 140 8.05 -28.12 -7.75
C ALA F 140 7.77 -28.80 -6.39
N ARG F 141 7.60 -28.01 -5.34
CA ARG F 141 7.37 -28.57 -4.01
C ARG F 141 5.91 -28.50 -3.61
N ARG F 142 5.12 -27.87 -4.46
CA ARG F 142 3.69 -27.95 -4.31
C ARG F 142 3.05 -27.83 -5.67
N ILE F 143 1.84 -28.37 -5.78
CA ILE F 143 1.19 -28.43 -7.05
C ILE F 143 -0.30 -28.09 -6.94
N PRO F 144 -0.79 -27.16 -7.80
CA PRO F 144 -2.20 -26.81 -7.86
C PRO F 144 -3.04 -27.96 -8.44
N LEU F 145 -4.26 -28.09 -7.90
CA LEU F 145 -5.27 -29.05 -8.37
C LEU F 145 -6.33 -28.23 -9.05
N ILE F 146 -6.57 -28.51 -10.32
CA ILE F 146 -7.38 -27.66 -11.15
C ILE F 146 -8.25 -28.55 -11.98
N ASP F 147 -9.55 -28.25 -11.98
CA ASP F 147 -10.53 -28.93 -12.80
C ASP F 147 -11.09 -27.94 -13.82
N VAL F 148 -12.02 -28.38 -14.65
CA VAL F 148 -12.57 -27.49 -15.67
C VAL F 148 -14.07 -27.69 -15.78
N ASP F 149 -14.83 -26.60 -15.69
CA ASP F 149 -16.30 -26.66 -15.77
C ASP F 149 -16.77 -26.41 -17.20
N GLY F 150 -17.21 -27.48 -17.85
CA GLY F 150 -17.49 -27.49 -19.28
C GLY F 150 -18.62 -26.59 -19.76
N GLU F 151 -19.42 -26.05 -18.84
CA GLU F 151 -20.47 -25.11 -19.24
C GLU F 151 -19.85 -23.75 -19.57
N THR F 152 -19.21 -23.17 -18.56
CA THR F 152 -18.58 -21.87 -18.66
C THR F 152 -17.23 -21.95 -19.32
N GLY F 153 -16.56 -23.08 -19.15
CA GLY F 153 -15.19 -23.27 -19.63
C GLY F 153 -14.19 -22.62 -18.70
N SER F 154 -14.61 -22.35 -17.47
CA SER F 154 -13.71 -21.74 -16.49
C SER F 154 -13.02 -22.85 -15.69
N GLU F 155 -11.74 -22.64 -15.42
CA GLU F 155 -10.96 -23.53 -14.58
C GLU F 155 -11.43 -23.37 -13.14
N MET F 156 -11.48 -24.49 -12.44
CA MET F 156 -11.85 -24.50 -11.03
C MET F 156 -10.63 -24.91 -10.22
N ILE F 157 -10.18 -24.03 -9.35
CA ILE F 157 -9.06 -24.37 -8.48
C ILE F 157 -9.64 -25.06 -7.26
N VAL F 158 -9.22 -26.29 -7.02
CA VAL F 158 -9.77 -27.05 -5.91
C VAL F 158 -8.87 -26.91 -4.71
N SER F 159 -7.58 -26.92 -4.96
CA SER F 159 -6.62 -26.82 -3.89
C SER F 159 -5.21 -26.84 -4.43
N VAL F 160 -4.27 -26.94 -3.50
CA VAL F 160 -2.86 -26.97 -3.78
C VAL F 160 -2.29 -28.10 -2.92
N LEU F 161 -1.77 -29.13 -3.58
CA LEU F 161 -1.15 -30.25 -2.91
C LEU F 161 0.32 -29.96 -2.59
N THR F 162 0.71 -30.08 -1.32
CA THR F 162 2.12 -30.02 -0.94
C THR F 162 2.71 -31.41 -0.83
N GLN F 163 4.03 -31.48 -0.79
CA GLN F 163 4.69 -32.76 -0.57
C GLN F 163 4.44 -33.22 0.83
N TYR F 164 4.30 -32.27 1.76
CA TYR F 164 4.05 -32.62 3.15
C TYR F 164 2.71 -33.29 3.34
N ARG F 165 1.65 -32.74 2.78
CA ARG F 165 0.33 -33.37 2.91
C ARG F 165 0.22 -34.80 2.33
N ILE F 166 1.01 -35.13 1.32
CA ILE F 166 0.93 -36.43 0.71
C ILE F 166 1.58 -37.39 1.66
N LEU F 167 2.77 -37.03 2.11
CA LEU F 167 3.48 -37.87 3.04
C LEU F 167 2.68 -38.04 4.33
N LYS F 168 2.06 -36.97 4.82
CA LYS F 168 1.28 -37.12 6.05
C LYS F 168 0.08 -38.02 5.80
N PHE F 169 -0.63 -37.76 4.72
CA PHE F 169 -1.66 -38.66 4.22
C PHE F 169 -1.23 -40.15 4.20
N ILE F 170 0.02 -40.42 3.86
CA ILE F 170 0.51 -41.79 3.81
C ILE F 170 0.70 -42.37 5.23
N SER F 171 1.50 -41.69 6.05
CA SER F 171 1.78 -42.19 7.39
C SER F 171 0.51 -42.45 8.13
N MET F 172 -0.54 -41.73 7.76
CA MET F 172 -1.84 -41.83 8.38
C MET F 172 -2.72 -42.95 7.85
N ASN F 173 -2.41 -43.47 6.67
CA ASN F 173 -3.30 -44.45 6.07
C ASN F 173 -2.63 -45.72 5.65
N CYS F 174 -1.33 -45.79 5.91
CA CYS F 174 -0.58 -47.00 5.67
C CYS F 174 -0.01 -47.53 6.97
N LYS F 175 -0.60 -48.61 7.44
CA LYS F 175 -0.03 -49.44 8.48
C LYS F 175 1.39 -49.87 8.05
N GLU F 176 1.54 -50.04 6.74
CA GLU F 176 2.72 -50.59 6.08
C GLU F 176 4.01 -49.80 6.21
N THR F 177 3.97 -48.57 6.72
CA THR F 177 5.20 -47.77 6.85
C THR F 177 6.06 -48.25 8.01
N ALA F 178 5.41 -48.95 8.95
CA ALA F 178 6.06 -49.48 10.16
C ALA F 178 7.05 -50.59 9.82
N MET F 179 6.97 -51.10 8.59
CA MET F 179 7.84 -52.15 8.08
C MET F 179 9.12 -51.51 7.56
N LEU F 180 9.08 -50.20 7.39
CA LEU F 180 10.22 -49.45 6.86
C LEU F 180 11.32 -49.26 7.91
N ARG F 181 12.11 -50.33 8.12
CA ARG F 181 13.10 -50.38 9.18
C ARG F 181 14.57 -50.52 8.70
N VAL F 182 14.85 -50.13 7.46
CA VAL F 182 16.23 -50.10 6.97
C VAL F 182 16.93 -48.78 7.30
N PRO F 183 18.10 -48.86 7.98
CA PRO F 183 18.91 -47.67 8.33
C PRO F 183 19.17 -46.81 7.12
N LEU F 184 19.07 -45.49 7.33
CA LEU F 184 19.35 -44.49 6.31
C LEU F 184 20.60 -44.79 5.54
N ASN F 185 21.69 -45.05 6.27
CA ASN F 185 23.00 -45.14 5.67
C ASN F 185 23.24 -46.43 4.85
N GLN F 186 22.18 -47.22 4.70
CA GLN F 186 22.21 -48.43 3.88
C GLN F 186 21.29 -48.27 2.68
N MET F 187 20.49 -47.21 2.69
CA MET F 187 19.73 -46.81 1.51
C MET F 187 20.52 -45.71 0.82
N THR F 188 20.36 -45.57 -0.49
CA THR F 188 20.91 -44.40 -1.14
C THR F 188 19.76 -43.41 -1.29
N ILE F 189 19.87 -42.33 -0.51
CA ILE F 189 18.79 -41.40 -0.27
C ILE F 189 19.39 -40.19 0.45
N GLY F 190 18.92 -38.99 0.12
CA GLY F 190 19.40 -37.76 0.77
C GLY F 190 20.74 -37.29 0.27
N THR F 191 21.11 -36.05 0.59
CA THR F 191 22.38 -35.51 0.20
C THR F 191 23.30 -35.56 1.38
N TRP F 192 24.54 -35.93 1.12
CA TRP F 192 25.49 -36.26 2.17
C TRP F 192 26.82 -35.59 1.97
N SER F 193 26.92 -34.77 0.93
CA SER F 193 28.17 -34.10 0.63
C SER F 193 27.88 -32.94 -0.31
N ASN F 194 28.88 -32.06 -0.46
CA ASN F 194 28.72 -30.77 -1.14
C ASN F 194 27.50 -30.03 -0.59
N LEU F 195 27.49 -29.84 0.73
CA LEU F 195 26.37 -29.20 1.36
C LEU F 195 26.53 -27.68 1.32
N ALA F 196 25.43 -26.99 1.01
CA ALA F 196 25.38 -25.55 1.19
C ALA F 196 24.97 -25.30 2.62
N THR F 197 25.73 -24.43 3.29
CA THR F 197 25.55 -24.09 4.69
C THR F 197 26.01 -22.67 5.01
N ALA F 198 25.19 -21.89 5.70
CA ALA F 198 25.59 -20.54 6.07
C ALA F 198 26.06 -20.51 7.53
N SER F 199 26.69 -19.41 7.92
CA SER F 199 26.98 -19.15 9.33
C SER F 199 26.16 -17.96 9.78
N MET F 200 26.12 -17.73 11.08
CA MET F 200 25.35 -16.60 11.58
C MET F 200 25.88 -15.25 11.01
N GLU F 201 27.16 -15.24 10.59
CA GLU F 201 27.85 -14.06 10.07
C GLU F 201 27.61 -13.82 8.57
N THR F 202 26.98 -14.78 7.88
CA THR F 202 26.69 -14.68 6.46
C THR F 202 25.60 -13.64 6.16
N LYS F 203 25.81 -12.87 5.09
CA LYS F 203 24.83 -11.92 4.58
C LYS F 203 23.60 -12.64 4.00
N VAL F 204 22.42 -12.17 4.39
CA VAL F 204 21.18 -12.82 3.97
C VAL F 204 21.04 -12.99 2.45
N TYR F 205 21.49 -12.02 1.66
CA TYR F 205 21.40 -12.15 0.22
C TYR F 205 22.24 -13.30 -0.36
N ASP F 206 23.34 -13.63 0.30
CA ASP F 206 24.13 -14.80 -0.10
C ASP F 206 23.40 -16.13 0.06
N VAL F 207 22.66 -16.30 1.17
CA VAL F 207 21.89 -17.52 1.28
C VAL F 207 20.73 -17.51 0.30
N ILE F 208 20.24 -16.31 -0.03
CA ILE F 208 19.32 -16.17 -1.14
C ILE F 208 19.96 -16.69 -2.41
N LYS F 209 21.20 -16.28 -2.65
CA LYS F 209 21.99 -16.75 -3.77
C LYS F 209 22.02 -18.26 -3.75
N MET F 210 22.44 -18.84 -2.61
CA MET F 210 22.56 -20.29 -2.48
C MET F 210 21.24 -20.96 -2.82
N LEU F 211 20.15 -20.45 -2.23
CA LEU F 211 18.84 -21.07 -2.41
C LEU F 211 18.42 -21.13 -3.87
N ALA F 212 18.58 -20.01 -4.57
CA ALA F 212 18.19 -19.91 -5.96
C ALA F 212 19.05 -20.81 -6.83
N GLU F 213 20.37 -20.80 -6.57
CA GLU F 213 21.34 -21.46 -7.43
C GLU F 213 21.27 -22.96 -7.30
N LYS F 214 21.09 -23.42 -6.06
CA LYS F 214 21.02 -24.82 -5.75
C LYS F 214 19.58 -25.36 -5.81
N ASN F 215 18.61 -24.47 -6.02
CA ASN F 215 17.19 -24.80 -6.09
C ASN F 215 16.81 -25.70 -4.93
N ILE F 216 17.05 -25.16 -3.74
CA ILE F 216 16.70 -25.78 -2.49
C ILE F 216 15.85 -24.79 -1.71
N SER F 217 15.10 -25.29 -0.74
CA SER F 217 14.16 -24.45 0.02
C SER F 217 14.70 -23.95 1.38
N ALA F 218 15.84 -24.50 1.81
CA ALA F 218 16.40 -24.13 3.11
C ALA F 218 17.88 -24.43 3.22
N VAL F 219 18.55 -23.60 4.01
CA VAL F 219 19.96 -23.74 4.25
C VAL F 219 20.27 -23.81 5.76
N PRO F 220 20.95 -24.90 6.19
CA PRO F 220 21.30 -25.08 7.60
C PRO F 220 22.36 -24.07 8.00
N ILE F 221 22.35 -23.70 9.29
CA ILE F 221 23.34 -22.76 9.81
C ILE F 221 24.13 -23.45 10.89
N VAL F 222 25.45 -23.43 10.70
CA VAL F 222 26.35 -24.14 11.56
C VAL F 222 27.22 -23.13 12.26
N ASN F 223 27.93 -23.53 13.31
CA ASN F 223 28.97 -22.64 13.83
C ASN F 223 30.32 -23.03 13.26
N SER F 224 31.41 -22.57 13.87
CA SER F 224 32.72 -22.80 13.28
C SER F 224 33.11 -24.25 13.48
N GLU F 225 32.64 -24.86 14.58
CA GLU F 225 32.99 -26.25 14.94
C GLU F 225 32.11 -27.28 14.20
N GLY F 226 31.27 -26.80 13.29
CA GLY F 226 30.49 -27.69 12.44
C GLY F 226 29.13 -28.07 12.98
N THR F 227 28.84 -27.58 14.19
CA THR F 227 27.64 -28.02 14.87
C THR F 227 26.44 -27.22 14.38
N LEU F 228 25.30 -27.89 14.27
CA LEU F 228 24.09 -27.35 13.67
C LEU F 228 23.37 -26.41 14.62
N LEU F 229 23.18 -25.15 14.22
CA LEU F 229 22.52 -24.19 15.10
C LEU F 229 21.06 -23.94 14.71
N ASN F 230 20.83 -23.61 13.45
CA ASN F 230 19.49 -23.23 13.00
C ASN F 230 19.31 -23.45 11.50
N VAL F 231 18.25 -22.89 10.95
CA VAL F 231 17.99 -23.05 9.51
C VAL F 231 17.44 -21.73 8.99
N TYR F 232 18.01 -21.27 7.89
CA TYR F 232 17.47 -20.13 7.20
C TYR F 232 16.79 -20.70 6.00
N GLU F 233 15.52 -20.37 5.82
CA GLU F 233 14.77 -20.93 4.71
C GLU F 233 14.04 -19.88 3.95
N SER F 234 13.74 -20.18 2.69
CA SER F 234 13.09 -19.20 1.80
C SER F 234 11.80 -18.60 2.35
N VAL F 235 11.20 -19.21 3.36
CA VAL F 235 10.00 -18.60 3.90
C VAL F 235 10.31 -17.54 4.96
N ASP F 236 11.53 -17.53 5.46
CA ASP F 236 11.97 -16.47 6.37
C ASP F 236 12.05 -15.16 5.62
N VAL F 237 12.30 -15.26 4.33
CA VAL F 237 12.40 -14.11 3.45
C VAL F 237 11.18 -13.19 3.50
N MET F 238 10.01 -13.81 3.55
CA MET F 238 8.78 -13.06 3.70
C MET F 238 8.80 -12.22 4.96
N HIS F 239 9.21 -12.81 6.07
CA HIS F 239 9.21 -12.07 7.33
C HIS F 239 10.13 -10.86 7.24
N LEU F 240 11.17 -11.00 6.44
CA LEU F 240 12.12 -9.95 6.19
C LEU F 240 11.54 -8.84 5.34
N ILE F 241 10.73 -9.17 4.35
CA ILE F 241 10.21 -8.15 3.41
C ILE F 241 8.77 -7.69 3.59
N GLN F 242 7.97 -8.41 4.38
CA GLN F 242 6.56 -8.05 4.63
C GLN F 242 6.29 -6.59 5.04
N ASP F 243 7.37 -5.84 5.29
CA ASP F 243 7.33 -4.48 5.83
C ASP F 243 7.84 -3.44 4.83
N GLY F 244 8.21 -3.93 3.63
CA GLY F 244 8.70 -3.09 2.53
C GLY F 244 10.11 -2.57 2.74
N ASP F 245 10.88 -3.27 3.59
CA ASP F 245 12.24 -2.85 3.89
C ASP F 245 13.30 -3.82 3.35
N TYR F 246 13.75 -3.53 2.12
CA TYR F 246 14.67 -4.41 1.39
C TYR F 246 16.11 -4.32 1.87
N SER F 247 16.41 -3.27 2.61
CA SER F 247 17.70 -3.16 3.25
C SER F 247 17.88 -4.23 4.34
N ASN F 248 16.82 -4.96 4.65
CA ASN F 248 16.93 -6.10 5.58
C ASN F 248 17.59 -7.26 4.89
N LEU F 249 17.68 -7.16 3.56
CA LEU F 249 18.39 -8.19 2.78
C LEU F 249 19.89 -8.15 3.02
N ASP F 250 20.35 -7.03 3.60
CA ASP F 250 21.75 -6.78 3.97
C ASP F 250 22.06 -7.16 5.40
N LEU F 251 21.06 -7.66 6.13
CA LEU F 251 21.32 -8.14 7.47
C LEU F 251 22.14 -9.41 7.36
N SER F 252 22.83 -9.76 8.43
CA SER F 252 23.48 -11.05 8.53
C SER F 252 22.45 -12.09 8.95
N VAL F 253 22.68 -13.35 8.61
CA VAL F 253 21.76 -14.41 9.01
C VAL F 253 21.37 -14.30 10.49
N GLY F 254 22.34 -13.99 11.34
CA GLY F 254 22.07 -13.81 12.75
C GLY F 254 20.97 -12.80 13.02
N GLU F 255 21.23 -11.55 12.67
CA GLU F 255 20.33 -10.45 12.98
C GLU F 255 18.96 -10.72 12.40
N ALA F 256 18.92 -11.43 11.28
CA ALA F 256 17.67 -11.70 10.63
C ALA F 256 16.89 -12.68 11.45
N LEU F 257 17.55 -13.78 11.84
CA LEU F 257 16.93 -14.80 12.66
C LEU F 257 16.33 -14.26 13.97
N LEU F 258 16.94 -13.23 14.54
CA LEU F 258 16.41 -12.63 15.76
C LEU F 258 15.04 -12.00 15.58
N LYS F 259 14.59 -11.95 14.33
CA LYS F 259 13.32 -11.37 13.97
C LYS F 259 12.30 -12.44 13.63
N ARG F 260 12.68 -13.71 13.78
CA ARG F 260 11.75 -14.79 13.51
C ARG F 260 10.65 -14.88 14.58
N PRO F 261 9.37 -14.88 14.13
CA PRO F 261 8.23 -15.05 15.05
C PRO F 261 8.16 -16.49 15.55
N ALA F 262 7.68 -16.69 16.77
CA ALA F 262 7.77 -18.00 17.40
C ALA F 262 6.84 -19.02 16.76
N ASN F 263 6.12 -18.54 15.74
CA ASN F 263 5.30 -19.31 14.85
C ASN F 263 6.06 -20.38 14.02
N PHE F 264 7.35 -20.56 14.31
CA PHE F 264 8.25 -21.41 13.55
C PHE F 264 7.97 -22.89 13.69
N ASP F 265 8.20 -23.65 12.63
CA ASP F 265 7.97 -25.08 12.71
C ASP F 265 9.06 -25.93 13.34
N GLY F 266 10.24 -25.35 13.51
CA GLY F 266 11.32 -26.01 14.26
C GLY F 266 12.22 -26.83 13.36
N VAL F 267 13.44 -27.06 13.81
CA VAL F 267 14.42 -27.83 13.07
C VAL F 267 14.39 -29.29 13.52
N HIS F 268 14.16 -30.21 12.60
CA HIS F 268 14.09 -31.63 12.95
C HIS F 268 15.33 -32.36 12.47
N THR F 269 15.87 -33.21 13.32
CA THR F 269 17.07 -33.96 13.01
C THR F 269 16.86 -35.45 13.26
N CYS F 270 17.78 -36.24 12.73
CA CYS F 270 17.87 -37.67 13.00
C CYS F 270 19.32 -38.10 12.84
N ARG F 271 19.55 -39.36 13.15
CA ARG F 271 20.86 -39.95 13.04
C ARG F 271 20.89 -40.80 11.79
N ALA F 272 22.07 -40.94 11.20
CA ALA F 272 22.29 -41.69 9.97
C ALA F 272 21.87 -43.13 10.14
N THR F 273 21.61 -43.49 11.39
CA THR F 273 21.21 -44.84 11.74
C THR F 273 19.71 -44.93 12.04
N ASP F 274 18.98 -43.81 11.93
CA ASP F 274 17.53 -43.87 11.96
C ASP F 274 16.95 -44.50 10.68
N ARG F 275 15.64 -44.69 10.62
CA ARG F 275 15.00 -45.34 9.48
C ARG F 275 13.67 -44.67 9.15
N LEU F 276 13.03 -45.07 8.05
CA LEU F 276 11.83 -44.38 7.59
C LEU F 276 10.61 -44.53 8.51
N ASP F 277 10.45 -45.68 9.15
CA ASP F 277 9.27 -45.89 9.98
C ASP F 277 9.14 -44.87 11.13
N GLY F 278 10.28 -44.49 11.71
CA GLY F 278 10.33 -43.45 12.72
C GLY F 278 10.03 -42.10 12.09
N ILE F 279 10.73 -41.82 10.99
CA ILE F 279 10.56 -40.52 10.35
C ILE F 279 9.10 -40.32 9.88
N PHE F 280 8.50 -41.37 9.33
CA PHE F 280 7.10 -41.32 8.93
C PHE F 280 6.16 -41.16 10.10
N ASP F 281 6.57 -41.62 11.27
CA ASP F 281 5.70 -41.42 12.41
C ASP F 281 5.89 -40.00 12.94
N ALA F 282 7.06 -39.42 12.67
CA ALA F 282 7.33 -38.06 13.10
C ALA F 282 6.44 -37.13 12.32
N ILE F 283 6.47 -37.25 11.00
CA ILE F 283 5.65 -36.42 10.13
C ILE F 283 4.14 -36.62 10.36
N LYS F 284 3.76 -37.74 10.96
CA LYS F 284 2.40 -38.02 11.38
C LYS F 284 1.99 -37.11 12.54
N HIS F 285 2.97 -36.54 13.24
CA HIS F 285 2.69 -35.94 14.54
C HIS F 285 3.15 -34.51 14.59
N SER F 286 3.98 -34.13 13.62
CA SER F 286 4.62 -32.83 13.63
C SER F 286 4.65 -32.31 12.23
N ARG F 287 5.19 -31.11 12.06
CA ARG F 287 5.20 -30.52 10.75
C ARG F 287 6.62 -30.47 10.25
N VAL F 288 7.19 -31.65 10.04
CA VAL F 288 8.54 -31.77 9.54
C VAL F 288 8.65 -31.27 8.12
N HIS F 289 9.62 -30.42 7.85
CA HIS F 289 9.91 -30.07 6.45
C HIS F 289 11.13 -30.72 5.87
N ARG F 290 12.03 -31.15 6.73
CA ARG F 290 13.22 -31.83 6.28
C ARG F 290 13.87 -32.36 7.50
N LEU F 291 14.71 -33.36 7.35
CA LEU F 291 15.50 -33.78 8.49
C LEU F 291 16.93 -33.42 8.17
N PHE F 292 17.62 -32.81 9.14
CA PHE F 292 19.06 -32.74 9.04
C PHE F 292 19.66 -33.93 9.73
N VAL F 293 20.47 -34.67 8.99
CA VAL F 293 21.11 -35.82 9.55
C VAL F 293 22.32 -35.31 10.29
N VAL F 294 22.36 -35.58 11.60
CA VAL F 294 23.49 -35.18 12.44
C VAL F 294 24.10 -36.38 13.16
N ASP F 295 25.28 -36.18 13.71
CA ASP F 295 25.93 -37.20 14.52
C ASP F 295 25.61 -37.03 16.00
N GLU F 296 26.25 -37.84 16.84
CA GLU F 296 26.27 -37.71 18.30
C GLU F 296 26.26 -36.26 18.80
N ASN F 297 27.23 -35.44 18.38
CA ASN F 297 27.36 -34.05 18.89
C ASN F 297 26.85 -32.97 17.94
N LEU F 298 25.72 -33.28 17.30
CA LEU F 298 25.02 -32.37 16.44
C LEU F 298 25.87 -31.77 15.32
N LYS F 299 26.79 -32.56 14.77
CA LYS F 299 27.46 -32.17 13.55
C LYS F 299 26.63 -32.53 12.34
N LEU F 300 26.51 -31.59 11.43
CA LEU F 300 25.82 -31.84 10.19
C LEU F 300 26.53 -32.91 9.38
N GLU F 301 25.76 -33.85 8.86
CA GLU F 301 26.30 -34.96 8.09
C GLU F 301 25.61 -35.03 6.76
N GLY F 302 24.32 -34.75 6.76
CA GLY F 302 23.49 -34.83 5.55
C GLY F 302 22.18 -34.09 5.64
N ILE F 303 21.37 -34.22 4.58
CA ILE F 303 20.06 -33.61 4.52
C ILE F 303 19.14 -34.64 3.90
N LEU F 304 17.96 -34.77 4.50
CA LEU F 304 16.89 -35.58 3.96
C LEU F 304 15.65 -34.72 3.75
N SER F 305 15.52 -34.19 2.53
CA SER F 305 14.37 -33.40 2.16
C SER F 305 13.14 -34.26 2.06
N LEU F 306 11.98 -33.61 2.09
CA LEU F 306 10.75 -34.30 1.82
C LEU F 306 10.71 -34.93 0.44
N ALA F 307 11.22 -34.21 -0.56
CA ALA F 307 11.22 -34.72 -1.93
C ALA F 307 12.09 -35.97 -2.00
N ASP F 308 13.16 -35.99 -1.20
CA ASP F 308 14.06 -37.14 -1.15
C ASP F 308 13.23 -38.36 -0.81
N ILE F 309 12.55 -38.28 0.32
CA ILE F 309 11.67 -39.33 0.80
C ILE F 309 10.57 -39.66 -0.22
N LEU F 310 9.77 -38.67 -0.56
CA LEU F 310 8.67 -38.85 -1.50
C LEU F 310 9.15 -39.51 -2.80
N ASN F 311 10.33 -39.13 -3.29
CA ASN F 311 10.96 -39.75 -4.46
C ASN F 311 11.42 -41.19 -4.23
N TYR F 312 11.98 -41.46 -3.06
CA TYR F 312 12.47 -42.80 -2.80
C TYR F 312 11.34 -43.77 -2.94
N ILE F 313 10.20 -43.42 -2.35
CA ILE F 313 9.15 -44.38 -2.24
C ILE F 313 8.24 -44.35 -3.46
N ILE F 314 8.53 -43.51 -4.45
CA ILE F 314 7.75 -43.55 -5.68
C ILE F 314 8.54 -43.98 -6.91
N TYR F 315 9.83 -44.23 -6.74
CA TYR F 315 10.61 -44.80 -7.83
C TYR F 315 10.97 -46.26 -7.56
N ASP F 316 10.95 -47.05 -8.64
CA ASP F 316 11.29 -48.48 -8.59
C ASP F 316 12.81 -48.64 -8.71
N LYS F 317 13.25 -49.89 -8.83
CA LYS F 317 14.65 -50.22 -9.12
C LYS F 317 15.00 -50.38 -10.61
N THR F 318 13.99 -50.23 -11.47
CA THR F 318 14.18 -50.03 -12.91
C THR F 318 14.06 -48.53 -13.19
N THR F 319 14.93 -47.74 -12.56
CA THR F 319 14.73 -46.29 -12.43
C THR F 319 15.55 -45.47 -13.43
N ASP F 328 24.67 -22.45 -11.27
CA ASP F 328 23.92 -21.19 -11.27
C ASP F 328 22.59 -21.32 -12.02
N ASN F 329 21.50 -21.38 -11.27
CA ASN F 329 20.15 -21.51 -11.80
C ASN F 329 19.12 -20.84 -10.86
N PHE F 330 17.86 -21.30 -10.90
CA PHE F 330 16.75 -20.68 -10.15
C PHE F 330 15.99 -21.62 -9.20
N GLU F 331 15.14 -21.05 -8.36
CA GLU F 331 14.36 -21.85 -7.42
C GLU F 331 12.94 -22.17 -7.87
N SER F 332 12.56 -23.43 -7.72
CA SER F 332 11.22 -23.88 -8.05
C SER F 332 10.28 -23.52 -6.92
N ALA F 333 8.99 -23.47 -7.25
CA ALA F 333 7.91 -23.23 -6.32
C ALA F 333 8.16 -23.86 -4.94
N VAL F 334 8.04 -23.06 -3.89
CA VAL F 334 8.10 -23.56 -2.53
C VAL F 334 6.74 -23.33 -1.86
P AMP G . -12.38 27.51 12.23
O1P AMP G . -12.04 26.64 13.44
O2P AMP G . -12.78 26.80 10.94
O3P AMP G . -11.40 28.62 11.95
O5' AMP G . -13.79 28.18 12.50
C5' AMP G . -14.60 28.65 11.43
C4' AMP G . -15.62 29.68 11.94
O4' AMP G . -16.73 29.03 12.56
C3' AMP G . -15.10 30.60 13.03
O3' AMP G . -15.83 31.80 12.91
C2' AMP G . -15.48 29.97 14.34
O2' AMP G . -15.79 30.95 15.33
C1' AMP G . -16.73 29.19 14.00
N9 AMP G . -16.74 27.89 14.74
C8 AMP G . -15.67 27.13 15.00
N7 AMP G . -16.03 26.00 15.68
C5 AMP G . -17.35 26.05 15.88
C6 AMP G . -18.36 25.18 16.55
N6 AMP G . -18.01 24.02 17.16
N1 AMP G . -19.64 25.60 16.52
C2 AMP G . -20.01 26.74 15.93
N3 AMP G . -19.15 27.57 15.33
C4 AMP G . -17.83 27.29 15.26
PB ADP H . 1.12 25.09 11.70
O1B ADP H . 2.01 24.45 12.74
O2B ADP H . 1.92 25.99 10.77
O3B ADP H . -0.14 25.67 12.28
PA ADP H . 1.15 22.42 10.61
O1A ADP H . 0.47 21.55 11.64
O2A ADP H . 1.11 22.00 9.16
O3A ADP H . 0.56 23.92 10.72
O5' ADP H . 2.70 22.62 10.98
C5' ADP H . 3.40 21.79 11.90
C4' ADP H . 4.84 21.75 11.44
O4' ADP H . 4.87 20.97 10.25
C3' ADP H . 5.43 23.11 11.09
O3' ADP H . 6.77 23.18 11.60
C2' ADP H . 5.44 23.12 9.57
O2' ADP H . 6.54 23.89 9.01
C1' ADP H . 5.57 21.65 9.23
N9 ADP H . 4.95 21.35 7.93
C8 ADP H . 3.63 21.35 7.62
N7 ADP H . 3.42 21.00 6.32
C5 ADP H . 4.65 20.79 5.78
C6 ADP H . 5.18 20.41 4.46
N6 ADP H . 4.37 20.18 3.40
N1 ADP H . 6.52 20.30 4.36
C2 ADP H . 7.38 20.52 5.38
N3 ADP H . 6.98 20.88 6.61
C4 ADP H . 5.66 21.02 6.85
PB ADP I . 14.95 -28.62 1.40
O1B ADP I . 15.42 -27.27 0.89
O2B ADP I . 15.80 -29.12 2.55
O3B ADP I . 13.45 -28.77 1.63
PA ADP I . 14.52 -29.55 -1.20
O1A ADP I . 14.06 -28.14 -1.39
O2A ADP I . 13.50 -30.66 -1.40
O3A ADP I . 15.24 -29.65 0.21
O5' ADP I . 15.82 -29.78 -2.09
C5' ADP I . 15.79 -30.85 -3.01
C4' ADP I . 17.15 -31.53 -3.14
O4' ADP I . 18.19 -30.67 -2.68
C3' ADP I . 17.20 -32.81 -2.33
O3' ADP I . 17.80 -33.79 -3.19
C2' ADP I . 18.06 -32.43 -1.13
O2' ADP I . 18.79 -33.50 -0.56
C1' ADP I . 18.98 -31.37 -1.71
N9 ADP I . 19.28 -30.38 -0.68
C8 ADP I . 18.37 -29.81 0.14
N7 ADP I . 18.97 -28.92 0.95
C5 ADP I . 20.28 -28.90 0.65
C6 ADP I . 21.44 -28.17 1.16
N6 ADP I . 21.22 -27.30 2.14
N1 ADP I . 22.65 -28.41 0.60
C2 ADP I . 22.78 -29.31 -0.41
N3 ADP I . 21.75 -30.02 -0.93
C4 ADP I . 20.49 -29.86 -0.44
PB ADP J . 2.09 -27.60 4.74
O1B ADP J . 1.07 -27.41 5.87
O2B ADP J . 3.43 -28.13 5.20
O3B ADP J . 1.52 -28.29 3.52
PA ADP J . 1.47 -24.98 3.93
O1A ADP J . 2.18 -23.73 3.48
O2A ADP J . 0.41 -25.62 3.04
O3A ADP J . 2.55 -26.14 4.24
O5' ADP J . 0.83 -24.73 5.39
C5' ADP J . 0.00 -23.61 5.73
C4' ADP J . -1.35 -24.12 6.23
O4' ADP J . -2.36 -23.24 5.76
C3' ADP J . -1.70 -25.50 5.70
O3' ADP J . -2.39 -26.21 6.73
C2' ADP J . -2.59 -25.24 4.50
O2' ADP J . -3.71 -26.13 4.41
C1' ADP J . -3.11 -23.83 4.69
N9 ADP J . -2.95 -23.06 3.44
C8 ADP J . -1.79 -22.82 2.79
N7 ADP J . -1.99 -22.09 1.67
C5 ADP J . -3.31 -21.87 1.58
C6 ADP J . -4.19 -21.16 0.64
N6 ADP J . -3.67 -20.55 -0.46
N1 ADP J . -5.53 -21.16 0.91
C2 ADP J . -6.05 -21.77 1.99
N3 ADP J . -5.30 -22.43 2.91
C4 ADP J . -3.95 -22.51 2.75
#